data_6YSB
#
_entry.id   6YSB
#
_cell.length_a   156.609
_cell.length_b   68.666
_cell.length_c   68.944
_cell.angle_alpha   90.000
_cell.angle_beta   111.380
_cell.angle_gamma   90.000
#
_symmetry.space_group_name_H-M   'C 1 2 1'
#
loop_
_entity.id
_entity.type
_entity.pdbx_description
1 polymer '2-alkenal reductase (NADP(+)-dependent)-like'
2 non-polymer 'SULFATE ION'
3 water water
#
_entity_poly.entity_id   1
_entity_poly.type   'polypeptide(L)'
_entity_poly.pdbx_seq_one_letter_code
;MAASTEGVISNKQVILKDYVTGFPKESDMQLTTATTKLKLPEGSKGVLVKNLYLSCDPYMRSRMTKREPGASYVDSFDAG
SPIVGYGVAKVLESGDPKFKKGDLIWGMTGWEEYSVITSTESLFKIQHIDVPLSYYTGILGMPGMTAYAGFYEICNPKKG
ETVFVSAASGAVGQLVGQFAKLLGCYVVGSAGSKEKVDLLKNKFGFDKAFNYKEEPDLDAALKRYFPEGIDIYFENVGGK
MLDAVLPNMRVHGRIAVCGLISQYNIDEPEGCRNLMYLIIKQVRMQGFLVFSYYHLYEKFLEMVLPAIKEGKLTYVEDVV
EGLESAPAALIGLYAGRNVGKQVVVVSRE
;
_entity_poly.pdbx_strand_id   B,A
#
# COMPACT_ATOMS: atom_id res chain seq x y z
N ILE A 9 -12.20 -41.06 -14.52
CA ILE A 9 -11.73 -39.63 -14.49
C ILE A 9 -10.45 -39.62 -13.66
N SER A 10 -9.41 -38.91 -14.13
CA SER A 10 -8.18 -38.71 -13.35
C SER A 10 -8.50 -37.86 -12.12
N ASN A 11 -7.87 -38.20 -11.01
CA ASN A 11 -8.04 -37.43 -9.74
C ASN A 11 -6.61 -37.20 -9.19
N LYS A 12 -6.01 -36.07 -9.50
CA LYS A 12 -4.69 -35.73 -8.91
C LYS A 12 -4.88 -35.44 -7.43
N GLN A 13 -3.92 -35.82 -6.63
CA GLN A 13 -3.94 -35.73 -5.17
C GLN A 13 -2.59 -35.28 -4.66
N VAL A 14 -2.61 -34.65 -3.51
CA VAL A 14 -1.39 -34.36 -2.72
C VAL A 14 -1.44 -35.23 -1.47
N ILE A 15 -0.67 -36.31 -1.51
CA ILE A 15 -0.60 -37.31 -0.44
C ILE A 15 0.42 -36.85 0.62
N LEU A 16 0.04 -36.97 1.89
CA LEU A 16 1.06 -36.95 2.97
C LEU A 16 1.75 -38.29 2.95
N LYS A 17 3.01 -38.32 2.56
CA LYS A 17 3.68 -39.62 2.44
C LYS A 17 4.15 -40.05 3.83
N ASP A 18 4.75 -39.13 4.56
CA ASP A 18 5.45 -39.41 5.84
C ASP A 18 4.99 -38.43 6.89
N TYR A 19 4.75 -38.92 8.11
CA TYR A 19 4.60 -38.10 9.33
C TYR A 19 5.89 -37.29 9.48
N VAL A 20 5.66 -36.04 9.87
CA VAL A 20 6.72 -35.00 9.94
C VAL A 20 7.30 -35.01 11.35
N THR A 21 8.62 -34.91 11.39
CA THR A 21 9.46 -34.66 12.61
C THR A 21 10.10 -33.25 12.53
N GLY A 22 11.01 -33.00 11.58
CA GLY A 22 11.69 -31.68 11.49
C GLY A 22 10.78 -30.55 10.97
N PHE A 23 11.37 -29.52 10.36
CA PHE A 23 10.60 -28.48 9.66
C PHE A 23 10.06 -29.14 8.40
N PRO A 24 8.76 -28.97 8.03
CA PRO A 24 8.22 -29.70 6.86
C PRO A 24 9.03 -29.41 5.57
N LYS A 25 9.09 -30.37 4.64
CA LYS A 25 9.67 -30.15 3.29
C LYS A 25 8.72 -30.61 2.21
N GLU A 26 8.89 -30.09 0.99
CA GLU A 26 8.06 -30.46 -0.18
C GLU A 26 7.96 -31.97 -0.32
N SER A 27 9.05 -32.70 -0.09
CA SER A 27 9.10 -34.15 -0.33
C SER A 27 8.38 -34.93 0.75
N ASP A 28 7.93 -34.29 1.83
CA ASP A 28 7.04 -35.03 2.77
C ASP A 28 5.66 -35.25 2.14
N MET A 29 5.36 -34.56 1.04
CA MET A 29 4.14 -34.74 0.25
C MET A 29 4.47 -35.41 -1.07
N GLN A 30 3.54 -36.16 -1.62
CA GLN A 30 3.69 -36.81 -2.95
C GLN A 30 2.50 -36.47 -3.86
N LEU A 31 2.78 -35.80 -5.00
CA LEU A 31 1.78 -35.64 -6.07
C LEU A 31 1.53 -37.00 -6.70
N THR A 32 0.26 -37.34 -6.87
CA THR A 32 -0.13 -38.66 -7.48
C THR A 32 -1.39 -38.47 -8.29
N THR A 33 -1.66 -39.36 -9.24
CA THR A 33 -2.91 -39.32 -10.02
C THR A 33 -3.66 -40.61 -9.68
N ALA A 34 -4.71 -40.46 -8.88
CA ALA A 34 -5.72 -41.52 -8.66
C ALA A 34 -6.72 -41.47 -9.81
N THR A 35 -7.71 -42.33 -9.70
CA THR A 35 -8.87 -42.35 -10.62
C THR A 35 -10.14 -42.33 -9.80
N THR A 36 -11.20 -41.87 -10.43
CA THR A 36 -12.53 -41.87 -9.80
C THR A 36 -13.56 -42.13 -10.88
N LYS A 37 -14.73 -42.69 -10.52
CA LYS A 37 -15.91 -42.72 -11.43
C LYS A 37 -16.98 -41.68 -11.06
N LEU A 38 -16.67 -40.79 -10.12
CA LEU A 38 -17.55 -39.66 -9.71
C LEU A 38 -18.90 -40.21 -9.25
N LYS A 39 -18.85 -41.24 -8.43
CA LYS A 39 -20.05 -41.90 -7.82
C LYS A 39 -19.85 -41.92 -6.30
N LEU A 40 -20.86 -41.42 -5.62
CA LEU A 40 -20.84 -41.46 -4.15
C LEU A 40 -21.01 -42.91 -3.71
N PRO A 41 -20.19 -43.40 -2.74
CA PRO A 41 -20.40 -44.72 -2.18
C PRO A 41 -21.88 -44.92 -1.77
N GLU A 42 -22.34 -46.14 -1.96
CA GLU A 42 -23.71 -46.55 -1.58
C GLU A 42 -23.91 -46.27 -0.09
N GLY A 43 -25.03 -45.66 0.29
CA GLY A 43 -25.35 -45.43 1.70
C GLY A 43 -24.66 -44.19 2.25
N SER A 44 -23.85 -43.49 1.46
CA SER A 44 -23.18 -42.25 1.93
C SER A 44 -24.25 -41.22 2.30
N LYS A 45 -24.03 -40.53 3.41
CA LYS A 45 -24.82 -39.35 3.78
C LYS A 45 -24.07 -38.08 3.42
N GLY A 46 -22.96 -38.24 2.69
CA GLY A 46 -22.02 -37.13 2.44
C GLY A 46 -22.20 -36.52 1.07
N VAL A 47 -21.16 -35.84 0.59
CA VAL A 47 -21.24 -35.26 -0.79
C VAL A 47 -19.98 -35.68 -1.52
N LEU A 48 -20.14 -35.77 -2.84
CA LEU A 48 -18.97 -35.88 -3.77
C LEU A 48 -18.79 -34.50 -4.41
N VAL A 49 -17.60 -33.92 -4.31
CA VAL A 49 -17.41 -32.52 -4.75
C VAL A 49 -16.22 -32.41 -5.68
N LYS A 50 -16.28 -31.45 -6.58
CA LYS A 50 -15.12 -31.01 -7.39
C LYS A 50 -14.51 -29.84 -6.63
N ASN A 51 -13.27 -29.99 -6.22
CA ASN A 51 -12.60 -28.93 -5.47
C ASN A 51 -12.19 -27.79 -6.39
N LEU A 52 -12.48 -26.55 -6.01
CA LEU A 52 -12.18 -25.36 -6.82
C LEU A 52 -10.98 -24.64 -6.21
N TYR A 53 -11.05 -24.33 -4.92
CA TYR A 53 -9.98 -23.57 -4.23
C TYR A 53 -9.62 -24.30 -2.95
N LEU A 54 -8.33 -24.26 -2.63
CA LEU A 54 -7.81 -24.81 -1.35
C LEU A 54 -7.05 -23.75 -0.58
N SER A 55 -7.26 -23.70 0.73
CA SER A 55 -6.55 -22.77 1.63
C SER A 55 -5.20 -23.40 2.08
N CYS A 56 -4.14 -22.60 2.21
CA CYS A 56 -3.01 -22.93 3.12
C CYS A 56 -3.21 -22.04 4.33
N ASP A 57 -3.39 -22.70 5.46
CA ASP A 57 -3.72 -22.01 6.71
C ASP A 57 -2.67 -22.38 7.71
N PRO A 58 -2.18 -21.35 8.44
CA PRO A 58 -1.02 -21.58 9.28
C PRO A 58 -1.25 -22.82 10.14
N TYR A 59 -2.46 -22.98 10.75
CA TYR A 59 -2.74 -24.10 11.68
C TYR A 59 -2.38 -25.45 11.08
N MET A 60 -2.28 -25.54 9.76
CA MET A 60 -2.07 -26.87 9.13
C MET A 60 -0.65 -27.41 9.50
N ARG A 61 0.32 -26.51 9.78
CA ARG A 61 1.70 -26.87 10.22
C ARG A 61 1.70 -27.97 11.31
N SER A 62 0.80 -27.79 12.27
CA SER A 62 0.64 -28.62 13.50
C SER A 62 0.10 -30.01 13.14
N ARG A 63 -0.63 -30.15 12.03
CA ARG A 63 -1.24 -31.45 11.64
C ARG A 63 -0.20 -32.33 10.91
N MET A 64 1.02 -31.80 10.64
CA MET A 64 2.02 -32.64 9.92
C MET A 64 2.60 -33.70 10.85
N THR A 65 2.44 -33.50 12.15
CA THR A 65 3.11 -34.32 13.19
C THR A 65 2.10 -35.33 13.72
N LYS A 66 2.49 -36.59 13.92
CA LYS A 66 1.62 -37.65 14.47
C LYS A 66 1.43 -37.41 15.98
N ARG A 67 0.15 -37.29 16.44
CA ARG A 67 -0.30 -37.27 17.86
C ARG A 67 -1.60 -38.09 17.99
N GLU A 68 -2.08 -38.40 19.20
CA GLU A 68 -3.47 -38.90 19.49
C GLU A 68 -4.42 -37.68 19.55
N PRO A 69 -5.54 -37.64 20.33
CA PRO A 69 -6.45 -36.47 20.33
C PRO A 69 -6.06 -35.28 21.24
N GLY A 70 -4.80 -34.85 21.13
CA GLY A 70 -4.11 -34.01 22.13
C GLY A 70 -3.89 -32.55 21.73
N ALA A 71 -4.18 -32.17 20.48
CA ALA A 71 -4.24 -30.77 19.98
C ALA A 71 -5.69 -30.45 19.58
N SER A 72 -5.97 -29.27 19.00
CA SER A 72 -7.33 -28.78 18.59
C SER A 72 -7.83 -29.46 17.28
N ASP A 75 -7.10 -33.38 15.19
CA ASP A 75 -6.30 -34.59 14.80
C ASP A 75 -5.23 -34.33 13.71
N SER A 76 -4.12 -35.08 13.77
CA SER A 76 -3.03 -35.10 12.78
C SER A 76 -3.54 -35.60 11.38
N PHE A 77 -2.92 -35.17 10.26
CA PHE A 77 -3.18 -35.82 8.95
C PHE A 77 -2.93 -37.34 9.01
N ASP A 78 -3.49 -38.09 8.05
CA ASP A 78 -3.26 -39.56 7.88
C ASP A 78 -2.20 -39.78 6.80
N ALA A 79 -1.08 -40.36 7.19
CA ALA A 79 -0.03 -40.79 6.25
C ALA A 79 -0.65 -41.68 5.17
N GLY A 80 -0.35 -41.43 3.89
CA GLY A 80 -0.82 -42.25 2.77
C GLY A 80 -2.15 -41.74 2.20
N SER A 81 -2.74 -40.72 2.81
CA SER A 81 -4.03 -40.13 2.36
C SER A 81 -3.75 -38.70 1.92
N PRO A 82 -4.64 -38.10 1.12
CA PRO A 82 -4.55 -36.67 0.81
C PRO A 82 -4.47 -35.81 2.07
N ILE A 83 -3.66 -34.77 1.98
CA ILE A 83 -3.73 -33.57 2.86
C ILE A 83 -5.23 -33.20 2.88
N VAL A 84 -5.71 -32.65 3.99
CA VAL A 84 -7.12 -32.12 4.05
C VAL A 84 -7.02 -30.69 4.60
N GLY A 85 -7.94 -29.85 4.17
CA GLY A 85 -7.96 -28.45 4.61
C GLY A 85 -9.22 -27.76 4.13
N TYR A 86 -9.37 -26.50 4.53
CA TYR A 86 -10.55 -25.76 4.05
C TYR A 86 -10.42 -25.46 2.57
N GLY A 87 -11.54 -25.58 1.88
CA GLY A 87 -11.62 -25.21 0.47
C GLY A 87 -13.01 -24.84 0.09
N VAL A 88 -13.17 -24.54 -1.18
CA VAL A 88 -14.41 -24.19 -1.85
C VAL A 88 -14.59 -25.24 -2.91
N ALA A 89 -15.76 -25.81 -3.02
CA ALA A 89 -15.98 -26.94 -3.94
C ALA A 89 -17.41 -26.87 -4.50
N LYS A 90 -17.59 -27.58 -5.59
CA LYS A 90 -18.93 -27.70 -6.23
C LYS A 90 -19.45 -29.12 -5.98
N VAL A 91 -20.67 -29.24 -5.53
CA VAL A 91 -21.31 -30.56 -5.27
C VAL A 91 -21.66 -31.21 -6.62
N LEU A 92 -21.19 -32.45 -6.81
CA LEU A 92 -21.52 -33.26 -8.01
C LEU A 92 -22.64 -34.23 -7.66
N GLU A 93 -22.59 -34.86 -6.48
CA GLU A 93 -23.58 -35.86 -6.03
C GLU A 93 -23.74 -35.74 -4.53
N SER A 94 -24.95 -35.96 -4.04
CA SER A 94 -25.18 -35.80 -2.59
C SER A 94 -26.04 -36.95 -2.06
N GLY A 95 -25.71 -37.39 -0.85
CA GLY A 95 -26.50 -38.38 -0.09
C GLY A 95 -27.26 -37.70 1.03
N ASP A 96 -27.12 -36.39 1.11
CA ASP A 96 -27.79 -35.53 2.11
C ASP A 96 -28.80 -34.71 1.34
N PRO A 97 -30.14 -34.88 1.54
CA PRO A 97 -31.08 -34.17 0.69
C PRO A 97 -31.02 -32.63 0.91
N LYS A 98 -30.35 -32.12 1.94
CA LYS A 98 -30.20 -30.62 2.07
C LYS A 98 -29.16 -30.07 1.08
N PHE A 99 -28.30 -30.91 0.47
CA PHE A 99 -27.29 -30.48 -0.54
C PHE A 99 -27.66 -31.08 -1.88
N LYS A 100 -27.51 -30.27 -2.95
CA LYS A 100 -27.92 -30.60 -4.34
C LYS A 100 -26.73 -30.44 -5.28
N LYS A 101 -26.68 -31.26 -6.33
CA LYS A 101 -25.80 -31.09 -7.51
C LYS A 101 -25.80 -29.62 -7.93
N GLY A 102 -24.59 -29.05 -8.02
CA GLY A 102 -24.34 -27.67 -8.51
C GLY A 102 -24.15 -26.68 -7.36
N ASP A 103 -24.46 -27.06 -6.12
CA ASP A 103 -24.28 -26.20 -4.94
C ASP A 103 -22.79 -25.89 -4.80
N LEU A 104 -22.47 -24.66 -4.52
CA LEU A 104 -21.09 -24.29 -4.13
C LEU A 104 -21.00 -24.30 -2.60
N ILE A 105 -19.95 -24.89 -2.07
CA ILE A 105 -19.82 -25.07 -0.61
C ILE A 105 -18.43 -24.67 -0.18
N TRP A 106 -18.29 -24.35 1.09
CA TRP A 106 -16.96 -24.28 1.69
C TRP A 106 -16.95 -25.15 2.95
N GLY A 107 -15.76 -25.69 3.24
CA GLY A 107 -15.56 -26.53 4.41
C GLY A 107 -14.33 -27.38 4.24
N MET A 108 -14.12 -28.31 5.13
CA MET A 108 -12.91 -29.17 5.08
C MET A 108 -13.07 -30.18 3.94
N THR A 109 -12.09 -30.19 3.02
CA THR A 109 -12.11 -31.08 1.84
C THR A 109 -10.69 -31.63 1.63
N GLY A 110 -10.55 -32.52 0.63
CA GLY A 110 -9.22 -33.13 0.34
C GLY A 110 -8.42 -32.30 -0.62
N TRP A 111 -7.10 -32.48 -0.53
CA TRP A 111 -6.16 -31.88 -1.52
C TRP A 111 -6.10 -32.77 -2.76
N GLU A 112 -7.12 -32.63 -3.58
CA GLU A 112 -7.37 -33.49 -4.72
C GLU A 112 -8.33 -32.77 -5.65
N GLU A 113 -8.48 -33.27 -6.84
CA GLU A 113 -9.47 -32.67 -7.76
C GLU A 113 -10.93 -32.97 -7.34
N TYR A 114 -11.17 -34.15 -6.79
CA TYR A 114 -12.50 -34.63 -6.39
C TYR A 114 -12.39 -35.30 -5.03
N SER A 115 -13.33 -34.95 -4.12
CA SER A 115 -13.35 -35.48 -2.75
C SER A 115 -14.74 -36.02 -2.43
N VAL A 116 -14.77 -37.10 -1.67
CA VAL A 116 -15.95 -37.48 -0.89
C VAL A 116 -15.77 -36.90 0.51
N ILE A 117 -16.72 -36.08 0.88
CA ILE A 117 -16.81 -35.46 2.24
C ILE A 117 -17.90 -36.25 2.97
N THR A 118 -17.51 -37.06 3.94
CA THR A 118 -18.41 -38.15 4.38
C THR A 118 -19.64 -37.56 5.09
N SER A 119 -19.46 -36.44 5.78
CA SER A 119 -20.46 -35.72 6.60
C SER A 119 -20.63 -34.31 6.03
N THR A 120 -21.83 -33.75 6.04
CA THR A 120 -22.05 -32.39 5.56
C THR A 120 -22.27 -31.39 6.70
N GLU A 121 -22.22 -31.84 7.94
CA GLU A 121 -22.68 -31.02 9.10
C GLU A 121 -21.83 -29.74 9.17
N SER A 122 -20.60 -29.78 8.64
CA SER A 122 -19.62 -28.67 8.73
C SER A 122 -19.30 -28.16 7.33
N LEU A 123 -20.29 -28.12 6.46
CA LEU A 123 -20.21 -27.44 5.14
C LEU A 123 -21.17 -26.26 5.16
N PHE A 124 -20.79 -25.19 4.47
CA PHE A 124 -21.65 -24.01 4.28
C PHE A 124 -21.98 -23.88 2.78
N LYS A 125 -23.28 -23.70 2.46
CA LYS A 125 -23.65 -23.48 1.06
C LYS A 125 -23.44 -22.01 0.76
N ILE A 126 -22.65 -21.71 -0.24
CA ILE A 126 -22.36 -20.32 -0.61
C ILE A 126 -23.56 -19.84 -1.37
N GLN A 127 -24.10 -18.73 -0.90
CA GLN A 127 -25.22 -18.13 -1.63
C GLN A 127 -24.72 -16.84 -2.28
N HIS A 128 -23.86 -16.07 -1.61
CA HIS A 128 -23.34 -14.79 -2.21
C HIS A 128 -22.12 -15.10 -3.10
N ILE A 129 -22.31 -15.02 -4.42
CA ILE A 129 -21.30 -15.32 -5.48
C ILE A 129 -20.91 -14.02 -6.21
N ASP A 130 -21.47 -12.85 -5.85
CA ASP A 130 -21.02 -11.50 -6.33
C ASP A 130 -19.77 -11.10 -5.50
N VAL A 131 -18.94 -12.06 -5.16
CA VAL A 131 -17.65 -11.86 -4.48
C VAL A 131 -16.77 -13.01 -4.99
N PRO A 132 -15.44 -12.84 -5.19
CA PRO A 132 -14.61 -13.97 -5.61
C PRO A 132 -14.84 -15.20 -4.71
N LEU A 133 -15.07 -16.36 -5.31
CA LEU A 133 -15.31 -17.59 -4.53
C LEU A 133 -14.11 -17.88 -3.63
N SER A 134 -12.92 -17.46 -4.01
CA SER A 134 -11.70 -17.73 -3.20
C SER A 134 -11.83 -17.03 -1.85
N TYR A 135 -12.65 -15.98 -1.75
CA TYR A 135 -12.81 -15.26 -0.47
C TYR A 135 -13.33 -16.19 0.62
N TYR A 136 -14.07 -17.24 0.27
CA TYR A 136 -14.60 -18.17 1.29
C TYR A 136 -13.52 -19.09 1.83
N THR A 137 -12.23 -18.95 1.39
CA THR A 137 -11.08 -19.59 2.08
C THR A 137 -10.35 -18.60 2.99
N GLY A 138 -10.80 -17.36 3.08
CA GLY A 138 -10.10 -16.33 3.83
C GLY A 138 -11.05 -15.41 4.56
N ILE A 139 -11.20 -14.19 4.09
CA ILE A 139 -12.03 -13.15 4.75
C ILE A 139 -13.48 -13.62 5.01
N LEU A 140 -14.07 -14.48 4.16
CA LEU A 140 -15.46 -14.92 4.33
C LEU A 140 -15.52 -16.37 4.83
N GLY A 141 -14.40 -16.99 5.13
CA GLY A 141 -14.30 -18.35 5.65
C GLY A 141 -13.80 -18.41 7.06
N MET A 142 -13.11 -19.50 7.36
CA MET A 142 -12.64 -19.75 8.71
C MET A 142 -11.74 -18.61 9.20
N PRO A 143 -10.78 -18.07 8.42
CA PRO A 143 -9.92 -17.02 8.94
C PRO A 143 -10.69 -15.75 9.33
N GLY A 144 -11.61 -15.33 8.46
CA GLY A 144 -12.43 -14.14 8.79
C GLY A 144 -13.28 -14.33 10.07
N MET A 145 -13.85 -15.50 10.16
CA MET A 145 -14.66 -15.79 11.37
C MET A 145 -13.75 -15.78 12.58
N THR A 146 -12.51 -16.31 12.44
CA THR A 146 -11.59 -16.31 13.56
C THR A 146 -11.27 -14.91 14.05
N ALA A 147 -11.00 -14.00 13.10
CA ALA A 147 -10.72 -12.61 13.42
C ALA A 147 -11.96 -11.98 14.15
N TYR A 148 -13.14 -12.22 13.61
CA TYR A 148 -14.38 -11.62 14.20
C TYR A 148 -14.57 -12.15 15.63
N ALA A 149 -14.51 -13.46 15.81
CA ALA A 149 -14.69 -14.06 17.14
C ALA A 149 -13.63 -13.55 18.10
N GLY A 150 -12.36 -13.64 17.69
CA GLY A 150 -11.32 -13.23 18.61
C GLY A 150 -11.42 -11.76 18.94
N PHE A 151 -11.60 -10.92 17.96
CA PHE A 151 -11.56 -9.50 18.29
C PHE A 151 -12.83 -9.10 19.09
N TYR A 152 -14.01 -9.41 18.61
CA TYR A 152 -15.24 -8.90 19.28
C TYR A 152 -15.58 -9.71 20.53
N GLU A 153 -15.39 -11.02 20.52
CA GLU A 153 -15.86 -11.87 21.63
C GLU A 153 -14.77 -12.02 22.69
N ILE A 154 -13.48 -11.90 22.37
CA ILE A 154 -12.40 -12.13 23.37
C ILE A 154 -11.78 -10.82 23.82
N CYS A 155 -11.51 -9.89 22.89
CA CYS A 155 -10.68 -8.71 23.22
C CYS A 155 -11.44 -7.58 23.94
N ASN A 156 -12.78 -7.62 24.00
CA ASN A 156 -13.56 -6.56 24.68
C ASN A 156 -13.09 -5.19 24.25
N PRO A 157 -13.03 -4.91 22.92
CA PRO A 157 -12.40 -3.67 22.47
C PRO A 157 -13.28 -2.43 22.69
N LYS A 158 -12.63 -1.32 22.88
CA LYS A 158 -13.22 0.00 23.12
C LYS A 158 -12.55 1.02 22.19
N LYS A 159 -13.30 1.94 21.63
CA LYS A 159 -12.71 3.07 20.87
C LYS A 159 -11.58 3.68 21.69
N GLY A 160 -10.45 4.01 21.02
CA GLY A 160 -9.33 4.70 21.65
C GLY A 160 -8.31 3.75 22.23
N GLU A 161 -8.61 2.46 22.31
CA GLU A 161 -7.63 1.48 22.82
C GLU A 161 -6.56 1.24 21.76
N THR A 162 -5.40 0.88 22.28
CA THR A 162 -4.21 0.52 21.47
C THR A 162 -4.21 -0.99 21.25
N VAL A 163 -3.97 -1.35 19.98
CA VAL A 163 -4.06 -2.73 19.56
C VAL A 163 -2.76 -3.11 18.82
N PHE A 164 -2.18 -4.23 19.19
CA PHE A 164 -1.02 -4.83 18.51
C PHE A 164 -1.44 -6.19 17.95
N VAL A 165 -1.06 -6.45 16.71
CA VAL A 165 -1.42 -7.71 16.05
C VAL A 165 -0.13 -8.35 15.56
N SER A 166 0.15 -9.55 15.98
CA SER A 166 1.31 -10.28 15.40
C SER A 166 0.84 -11.06 14.17
N ALA A 167 1.81 -11.45 13.31
CA ALA A 167 1.48 -12.05 12.00
C ALA A 167 0.35 -11.23 11.31
N ALA A 168 0.53 -9.92 11.27
CA ALA A 168 -0.62 -9.03 10.99
C ALA A 168 -0.99 -9.12 9.53
N SER A 169 -0.08 -9.58 8.64
CA SER A 169 -0.43 -9.65 7.20
C SER A 169 -1.08 -10.95 6.77
N GLY A 170 -1.25 -11.90 7.70
CA GLY A 170 -2.06 -13.10 7.45
C GLY A 170 -3.53 -12.79 7.36
N ALA A 171 -4.35 -13.76 6.95
CA ALA A 171 -5.79 -13.40 6.73
C ALA A 171 -6.48 -13.08 8.04
N VAL A 172 -6.07 -13.70 9.15
CA VAL A 172 -6.66 -13.36 10.46
C VAL A 172 -6.27 -11.96 10.85
N GLY A 173 -4.94 -11.74 10.89
CA GLY A 173 -4.45 -10.42 11.30
C GLY A 173 -4.93 -9.26 10.45
N GLN A 174 -5.01 -9.44 9.14
CA GLN A 174 -5.49 -8.39 8.23
C GLN A 174 -6.85 -7.89 8.69
N LEU A 175 -7.68 -8.84 9.03
CA LEU A 175 -9.11 -8.47 9.36
C LEU A 175 -9.18 -7.92 10.79
N VAL A 176 -8.49 -8.53 11.74
CA VAL A 176 -8.45 -7.97 13.09
C VAL A 176 -8.08 -6.50 13.01
N GLY A 177 -6.98 -6.20 12.30
CA GLY A 177 -6.56 -4.81 12.26
C GLY A 177 -7.59 -3.86 11.66
N GLN A 178 -8.25 -4.29 10.61
CA GLN A 178 -9.30 -3.47 9.98
C GLN A 178 -10.51 -3.30 10.92
N PHE A 179 -10.91 -4.35 11.63
CA PHE A 179 -12.04 -4.21 12.60
C PHE A 179 -11.59 -3.21 13.66
N ALA A 180 -10.35 -3.29 14.11
CA ALA A 180 -9.85 -2.40 15.16
C ALA A 180 -9.83 -0.97 14.65
N LYS A 181 -9.42 -0.72 13.44
CA LYS A 181 -9.39 0.65 12.87
C LYS A 181 -10.82 1.17 12.79
N LEU A 182 -11.75 0.35 12.31
CA LEU A 182 -13.14 0.79 12.13
C LEU A 182 -13.76 1.16 13.48
N LEU A 183 -13.38 0.48 14.56
CA LEU A 183 -13.89 0.78 15.94
C LEU A 183 -13.32 2.09 16.45
N GLY A 184 -12.22 2.58 15.85
CA GLY A 184 -11.52 3.76 16.36
C GLY A 184 -10.39 3.43 17.31
N CYS A 185 -9.78 2.27 17.12
CA CYS A 185 -8.56 1.94 17.86
C CYS A 185 -7.31 2.42 17.10
N TYR A 186 -6.21 2.50 17.81
CA TYR A 186 -4.84 2.72 17.25
C TYR A 186 -4.22 1.34 17.05
N VAL A 187 -3.85 1.00 15.83
CA VAL A 187 -3.50 -0.38 15.47
C VAL A 187 -2.11 -0.44 14.84
N VAL A 188 -1.30 -1.35 15.34
CA VAL A 188 0.05 -1.67 14.85
C VAL A 188 0.13 -3.15 14.62
N GLY A 189 0.87 -3.51 13.55
CA GLY A 189 1.12 -4.91 13.22
C GLY A 189 2.59 -5.22 13.06
N SER A 190 2.93 -6.44 13.33
CA SER A 190 4.26 -6.97 12.96
C SER A 190 4.16 -7.92 11.80
N ALA A 191 5.20 -7.88 10.94
CA ALA A 191 5.28 -8.84 9.83
C ALA A 191 6.76 -8.99 9.48
N GLY A 192 7.06 -9.87 8.53
CA GLY A 192 8.45 -10.31 8.30
C GLY A 192 9.11 -9.75 7.07
N SER A 193 8.62 -8.72 6.45
CA SER A 193 9.30 -8.10 5.31
C SER A 193 8.82 -6.66 5.21
N LYS A 194 9.60 -5.83 4.51
CA LYS A 194 9.19 -4.47 4.19
C LYS A 194 7.92 -4.53 3.34
N GLU A 195 7.82 -5.43 2.38
CA GLU A 195 6.63 -5.49 1.50
C GLU A 195 5.37 -5.65 2.38
N LYS A 196 5.45 -6.53 3.34
CA LYS A 196 4.28 -6.81 4.22
C LYS A 196 3.98 -5.65 5.16
N VAL A 197 5.00 -5.00 5.69
CA VAL A 197 4.85 -3.77 6.50
C VAL A 197 4.16 -2.70 5.68
N ASP A 198 4.61 -2.49 4.45
CA ASP A 198 4.01 -1.47 3.59
C ASP A 198 2.55 -1.82 3.25
N LEU A 199 2.28 -3.07 3.02
CA LEU A 199 0.88 -3.52 2.76
C LEU A 199 0.01 -3.10 3.96
N LEU A 200 0.49 -3.41 5.16
CA LEU A 200 -0.30 -3.18 6.36
C LEU A 200 -0.65 -1.72 6.47
N LYS A 201 0.29 -0.82 6.22
CA LYS A 201 0.07 0.60 6.38
C LYS A 201 -0.79 1.11 5.23
N ASN A 202 -0.45 0.72 4.01
CA ASN A 202 -1.02 1.36 2.81
C ASN A 202 -2.33 0.72 2.39
N LYS A 203 -2.41 -0.60 2.34
CA LYS A 203 -3.59 -1.33 1.86
C LYS A 203 -4.59 -1.52 3.00
N PHE A 204 -4.13 -1.83 4.20
CA PHE A 204 -5.07 -2.22 5.28
C PHE A 204 -5.25 -1.09 6.28
N GLY A 205 -4.59 0.03 6.14
CA GLY A 205 -4.90 1.22 6.97
C GLY A 205 -4.45 1.06 8.41
N PHE A 206 -3.49 0.21 8.72
CA PHE A 206 -2.91 0.15 10.07
C PHE A 206 -2.24 1.50 10.34
N ASP A 207 -2.26 1.94 11.59
CA ASP A 207 -1.57 3.19 11.95
C ASP A 207 -0.08 3.02 11.78
N LYS A 208 0.42 1.82 12.08
CA LYS A 208 1.85 1.58 11.94
C LYS A 208 2.11 0.09 11.83
N ALA A 209 3.35 -0.22 11.41
CA ALA A 209 3.77 -1.63 11.34
C ALA A 209 5.28 -1.68 11.34
N PHE A 210 5.82 -2.81 11.70
CA PHE A 210 7.29 -3.01 11.67
C PHE A 210 7.60 -4.44 11.35
N ASN A 211 8.84 -4.55 10.79
CA ASN A 211 9.45 -5.81 10.34
C ASN A 211 10.19 -6.36 11.54
N TYR A 212 9.63 -7.33 12.20
CA TYR A 212 10.25 -7.90 13.41
C TYR A 212 11.62 -8.54 13.12
N LYS A 213 11.87 -8.99 11.89
CA LYS A 213 13.15 -9.67 11.50
C LYS A 213 14.29 -8.67 11.49
N GLU A 214 14.00 -7.39 11.44
CA GLU A 214 15.02 -6.32 11.35
C GLU A 214 15.22 -5.56 12.64
N GLU A 215 14.47 -5.87 13.71
CA GLU A 215 14.54 -5.17 15.00
C GLU A 215 15.51 -5.85 15.95
N PRO A 216 16.55 -5.14 16.44
CA PRO A 216 17.43 -5.81 17.37
C PRO A 216 16.86 -5.95 18.77
N ASP A 217 15.82 -5.17 19.01
CA ASP A 217 15.24 -5.25 20.35
C ASP A 217 13.74 -5.05 20.24
N LEU A 218 12.97 -6.11 20.40
CA LEU A 218 11.50 -5.95 20.22
C LEU A 218 10.88 -5.00 21.26
N ASP A 219 11.38 -4.94 22.47
CA ASP A 219 10.88 -3.96 23.47
C ASP A 219 10.96 -2.56 22.93
N ALA A 220 12.12 -2.18 22.40
CA ALA A 220 12.31 -0.81 21.88
C ALA A 220 11.36 -0.58 20.70
N ALA A 221 11.17 -1.58 19.85
CA ALA A 221 10.26 -1.41 18.70
C ALA A 221 8.83 -1.17 19.19
N LEU A 222 8.41 -1.96 20.16
CA LEU A 222 7.03 -1.79 20.65
C LEU A 222 6.88 -0.42 21.30
N LYS A 223 7.90 0.03 22.01
CA LYS A 223 7.83 1.34 22.70
C LYS A 223 7.80 2.47 21.67
N ARG A 224 8.46 2.31 20.50
CA ARG A 224 8.36 3.37 19.47
C ARG A 224 6.88 3.62 19.14
N TYR A 225 6.09 2.56 19.03
CA TYR A 225 4.69 2.68 18.54
C TYR A 225 3.68 2.79 19.67
N PHE A 226 4.03 2.32 20.83
CA PHE A 226 3.12 2.29 21.97
C PHE A 226 3.83 2.88 23.17
N PRO A 227 4.06 4.19 23.15
CA PRO A 227 4.81 4.76 24.26
C PRO A 227 4.06 4.63 25.58
N GLU A 228 2.72 4.43 25.58
CA GLU A 228 1.99 4.24 26.86
C GLU A 228 1.37 2.84 26.93
N GLY A 229 1.85 1.96 26.09
CA GLY A 229 1.57 0.52 26.16
C GLY A 229 0.40 0.09 25.32
N ILE A 230 0.13 -1.19 25.41
CA ILE A 230 -0.80 -1.94 24.56
C ILE A 230 -2.04 -2.39 25.37
N ASP A 231 -3.23 -1.99 24.92
CA ASP A 231 -4.48 -2.47 25.56
C ASP A 231 -4.80 -3.89 25.13
N ILE A 232 -4.59 -4.20 23.85
CA ILE A 232 -5.06 -5.47 23.26
C ILE A 232 -3.89 -6.02 22.46
N TYR A 233 -3.53 -7.27 22.69
CA TYR A 233 -2.58 -8.01 21.85
C TYR A 233 -3.38 -9.13 21.22
N PHE A 234 -3.47 -9.12 19.91
CA PHE A 234 -4.03 -10.25 19.18
C PHE A 234 -2.87 -11.18 18.78
N GLU A 235 -2.74 -12.27 19.44
CA GLU A 235 -1.56 -13.13 19.39
C GLU A 235 -1.78 -14.28 18.42
N ASN A 236 -0.92 -14.30 17.37
CA ASN A 236 -0.94 -15.36 16.34
C ASN A 236 0.42 -16.15 16.32
N VAL A 237 1.39 -15.75 17.11
CA VAL A 237 2.77 -16.28 16.88
C VAL A 237 3.40 -16.82 18.13
N GLY A 238 3.26 -16.17 19.26
CA GLY A 238 3.92 -16.59 20.50
C GLY A 238 5.41 -16.34 20.48
N GLY A 239 6.15 -17.15 21.21
CA GLY A 239 7.62 -17.01 21.21
C GLY A 239 8.11 -15.63 21.65
N LYS A 240 9.21 -15.17 21.06
CA LYS A 240 9.86 -13.93 21.51
C LYS A 240 8.87 -12.75 21.45
N MET A 241 7.98 -12.70 20.47
CA MET A 241 7.03 -11.53 20.40
C MET A 241 6.14 -11.49 21.65
N LEU A 242 5.65 -12.65 22.09
CA LEU A 242 4.82 -12.68 23.31
C LEU A 242 5.57 -12.16 24.50
N ASP A 243 6.81 -12.59 24.69
CA ASP A 243 7.63 -12.13 25.82
C ASP A 243 7.93 -10.63 25.70
N ALA A 244 8.12 -10.13 24.47
CA ALA A 244 8.34 -8.68 24.31
C ALA A 244 7.07 -7.87 24.61
N VAL A 245 5.95 -8.42 24.23
CA VAL A 245 4.62 -7.74 24.44
C VAL A 245 4.28 -7.62 25.94
N LEU A 246 4.49 -8.67 26.69
CA LEU A 246 3.99 -8.75 28.08
C LEU A 246 4.39 -7.53 28.91
N PRO A 247 5.67 -7.06 28.94
CA PRO A 247 6.01 -5.90 29.73
C PRO A 247 5.43 -4.58 29.23
N ASN A 248 4.88 -4.60 28.01
CA ASN A 248 4.30 -3.41 27.35
C ASN A 248 2.77 -3.38 27.46
N MET A 249 2.17 -4.36 28.11
CA MET A 249 0.70 -4.32 28.27
C MET A 249 0.31 -3.19 29.24
N ARG A 250 -0.88 -2.64 28.98
CA ARG A 250 -1.54 -1.69 29.86
C ARG A 250 -2.32 -2.45 30.96
N VAL A 251 -2.58 -1.69 32.02
CA VAL A 251 -3.41 -2.22 33.12
C VAL A 251 -4.75 -2.65 32.52
N HIS A 252 -5.20 -3.84 32.92
CA HIS A 252 -6.45 -4.44 32.41
C HIS A 252 -6.39 -4.72 30.92
N GLY A 253 -5.16 -4.86 30.39
CA GLY A 253 -4.97 -5.26 29.00
C GLY A 253 -5.39 -6.72 28.78
N ARG A 254 -5.56 -7.05 27.51
CA ARG A 254 -6.05 -8.34 27.10
C ARG A 254 -5.15 -8.90 26.01
N ILE A 255 -4.93 -10.19 26.09
CA ILE A 255 -4.20 -10.96 25.08
C ILE A 255 -5.13 -12.05 24.59
N ALA A 256 -5.55 -11.94 23.33
CA ALA A 256 -6.33 -13.00 22.69
C ALA A 256 -5.38 -13.99 22.08
N VAL A 257 -5.35 -15.19 22.59
CA VAL A 257 -4.39 -16.17 22.09
C VAL A 257 -5.10 -17.00 21.04
N CYS A 258 -4.82 -16.62 19.77
CA CYS A 258 -5.40 -17.19 18.57
C CYS A 258 -4.52 -18.33 18.06
N GLY A 259 -3.20 -18.09 17.97
CA GLY A 259 -2.18 -19.03 17.54
C GLY A 259 -0.87 -18.78 18.17
N LEU A 260 -0.05 -19.83 18.15
CA LEU A 260 1.30 -19.74 18.69
C LEU A 260 2.22 -20.39 17.67
N ILE A 261 2.14 -19.95 16.41
CA ILE A 261 2.73 -20.65 15.23
C ILE A 261 4.25 -20.76 15.41
N SER A 262 4.89 -19.84 16.09
CA SER A 262 6.38 -19.84 16.15
C SER A 262 6.81 -21.11 16.89
N GLN A 263 5.94 -21.72 17.68
CA GLN A 263 6.29 -22.78 18.65
C GLN A 263 6.48 -24.11 17.94
N TYR A 264 6.01 -24.23 16.72
CA TYR A 264 6.41 -25.42 15.92
C TYR A 264 7.83 -25.33 15.32
N ASN A 265 8.47 -24.13 15.30
CA ASN A 265 9.87 -23.99 14.83
C ASN A 265 10.88 -24.42 15.90
N ILE A 266 11.76 -25.42 15.62
CA ILE A 266 12.64 -25.93 16.71
C ILE A 266 13.62 -24.79 17.04
N ASP A 267 13.87 -23.86 16.08
CA ASP A 267 14.83 -22.76 16.34
C ASP A 267 14.23 -21.59 17.13
N GLU A 268 12.93 -21.61 17.41
CA GLU A 268 12.22 -20.48 18.10
C GLU A 268 12.49 -20.66 19.59
N PRO A 269 12.76 -19.58 20.37
CA PRO A 269 12.90 -19.72 21.81
C PRO A 269 11.69 -20.47 22.38
N GLU A 270 11.97 -21.47 23.23
CA GLU A 270 10.92 -22.21 23.97
C GLU A 270 10.80 -21.56 25.35
N GLY A 271 9.55 -21.46 25.78
CA GLY A 271 9.02 -20.99 27.08
C GLY A 271 8.79 -19.51 27.11
N CYS A 272 7.66 -19.10 27.70
CA CYS A 272 7.31 -17.70 27.98
C CYS A 272 7.82 -17.30 29.37
N ARG A 273 8.69 -16.27 29.49
CA ARG A 273 9.34 -15.93 30.75
C ARG A 273 8.74 -14.74 31.46
N ASN A 274 7.85 -14.01 30.79
CA ASN A 274 7.35 -12.71 31.32
C ASN A 274 5.91 -12.79 31.88
N LEU A 275 5.49 -13.96 32.34
CA LEU A 275 4.09 -14.10 32.87
C LEU A 275 3.89 -13.23 34.12
N MET A 276 4.93 -12.80 34.83
CA MET A 276 4.70 -11.94 36.02
C MET A 276 3.96 -10.69 35.59
N TYR A 277 4.09 -10.24 34.35
CA TYR A 277 3.32 -9.06 33.93
C TYR A 277 1.83 -9.32 33.89
N LEU A 278 1.39 -10.56 33.83
CA LEU A 278 -0.06 -10.76 33.99
C LEU A 278 -0.52 -10.22 35.34
N ILE A 279 0.27 -10.41 36.36
CA ILE A 279 -0.06 -9.86 37.70
C ILE A 279 0.14 -8.35 37.74
N ILE A 280 1.32 -7.92 37.34
CA ILE A 280 1.72 -6.49 37.48
C ILE A 280 0.66 -5.61 36.78
N LYS A 281 0.23 -6.01 35.57
CA LYS A 281 -0.65 -5.21 34.73
C LYS A 281 -2.09 -5.79 34.72
N GLN A 282 -2.36 -6.81 35.54
CA GLN A 282 -3.72 -7.34 35.67
C GLN A 282 -4.29 -7.64 34.31
N VAL A 283 -3.56 -8.47 33.54
CA VAL A 283 -3.91 -8.84 32.17
C VAL A 283 -4.67 -10.16 32.09
N ARG A 284 -5.61 -10.15 31.18
CA ARG A 284 -6.39 -11.35 30.82
C ARG A 284 -5.76 -11.89 29.53
N MET A 285 -5.25 -13.10 29.62
CA MET A 285 -4.67 -13.82 28.47
C MET A 285 -5.51 -15.07 28.21
N GLN A 286 -6.25 -15.02 27.11
CA GLN A 286 -7.34 -15.98 26.91
C GLN A 286 -7.26 -16.63 25.53
N GLY A 287 -7.20 -17.94 25.51
CA GLY A 287 -7.25 -18.70 24.25
C GLY A 287 -8.66 -18.96 23.80
N PHE A 288 -8.83 -19.22 22.55
CA PHE A 288 -10.18 -19.49 22.00
C PHE A 288 -10.01 -20.33 20.74
N LEU A 289 -11.08 -20.99 20.34
CA LEU A 289 -11.14 -21.73 19.08
C LEU A 289 -12.34 -21.22 18.31
N VAL A 290 -12.18 -20.96 17.04
CA VAL A 290 -13.26 -20.45 16.19
C VAL A 290 -14.40 -21.46 16.14
N PHE A 291 -14.13 -22.72 16.31
CA PHE A 291 -15.17 -23.77 16.28
C PHE A 291 -16.32 -23.42 17.22
N SER A 292 -16.05 -22.75 18.33
CA SER A 292 -17.05 -22.44 19.38
C SER A 292 -17.85 -21.20 18.99
N TYR A 293 -17.65 -20.58 17.83
CA TYR A 293 -18.26 -19.29 17.48
C TYR A 293 -19.02 -19.35 16.16
N TYR A 294 -19.19 -20.52 15.55
CA TYR A 294 -19.85 -20.54 14.22
C TYR A 294 -21.34 -20.22 14.35
N HIS A 295 -21.94 -20.18 15.57
CA HIS A 295 -23.31 -19.67 15.72
C HIS A 295 -23.35 -18.20 15.28
N LEU A 296 -22.22 -17.51 15.26
CA LEU A 296 -22.15 -16.08 14.89
C LEU A 296 -21.91 -15.92 13.38
N TYR A 297 -21.75 -17.02 12.63
CA TYR A 297 -21.32 -16.89 11.23
C TYR A 297 -22.31 -16.10 10.38
N GLU A 298 -23.61 -16.30 10.57
CA GLU A 298 -24.57 -15.53 9.73
C GLU A 298 -24.53 -14.04 10.13
N LYS A 299 -24.39 -13.71 11.42
CA LYS A 299 -24.25 -12.31 11.87
C LYS A 299 -22.98 -11.70 11.28
N PHE A 300 -21.92 -12.48 11.26
CA PHE A 300 -20.63 -12.05 10.68
C PHE A 300 -20.79 -11.73 9.19
N LEU A 301 -21.42 -12.61 8.41
CA LEU A 301 -21.64 -12.33 6.98
C LEU A 301 -22.48 -11.05 6.83
N GLU A 302 -23.48 -10.89 7.66
CA GLU A 302 -24.35 -9.70 7.58
C GLU A 302 -23.48 -8.45 7.69
N MET A 303 -22.43 -8.49 8.52
CA MET A 303 -21.58 -7.29 8.74
C MET A 303 -20.58 -7.17 7.59
N VAL A 304 -19.93 -8.28 7.22
CA VAL A 304 -18.69 -8.20 6.41
C VAL A 304 -19.02 -8.12 4.92
N LEU A 305 -20.09 -8.75 4.42
CA LEU A 305 -20.32 -8.75 2.95
C LEU A 305 -20.57 -7.33 2.43
N PRO A 306 -21.49 -6.52 3.03
CA PRO A 306 -21.67 -5.17 2.50
C PRO A 306 -20.38 -4.34 2.62
N ALA A 307 -19.60 -4.52 3.70
CA ALA A 307 -18.36 -3.73 3.91
C ALA A 307 -17.36 -4.09 2.81
N ILE A 308 -17.27 -5.36 2.41
CA ILE A 308 -16.41 -5.77 1.26
C ILE A 308 -16.94 -5.10 0.01
N LYS A 309 -18.23 -5.15 -0.24
CA LYS A 309 -18.74 -4.66 -1.56
C LYS A 309 -18.50 -3.15 -1.63
N GLU A 310 -18.60 -2.44 -0.50
CA GLU A 310 -18.44 -0.96 -0.39
C GLU A 310 -16.96 -0.56 -0.35
N GLY A 311 -16.05 -1.52 -0.18
CA GLY A 311 -14.61 -1.25 -0.03
C GLY A 311 -14.21 -0.73 1.35
N LYS A 312 -15.07 -0.85 2.40
CA LYS A 312 -14.72 -0.50 3.80
C LYS A 312 -13.78 -1.57 4.39
N LEU A 313 -13.91 -2.80 3.94
CA LEU A 313 -12.96 -3.91 4.29
C LEU A 313 -12.34 -4.36 2.99
N THR A 314 -11.08 -4.75 3.09
CA THR A 314 -10.31 -5.27 1.92
C THR A 314 -9.57 -6.55 2.31
N TYR A 315 -8.95 -7.20 1.36
CA TYR A 315 -8.39 -8.56 1.58
C TYR A 315 -7.21 -8.76 0.62
N VAL A 316 -6.11 -9.35 1.08
CA VAL A 316 -5.00 -9.76 0.16
C VAL A 316 -4.85 -11.27 0.26
N GLU A 317 -4.89 -11.92 -0.90
CA GLU A 317 -4.61 -13.36 -1.11
C GLU A 317 -3.32 -13.52 -1.92
N ASP A 318 -2.65 -14.65 -1.73
CA ASP A 318 -1.45 -15.12 -2.46
C ASP A 318 -1.96 -16.32 -3.31
N VAL A 319 -2.19 -16.09 -4.61
CA VAL A 319 -2.85 -17.00 -5.60
C VAL A 319 -1.79 -17.92 -6.24
N VAL A 320 -1.97 -19.21 -6.03
CA VAL A 320 -1.14 -20.29 -6.56
C VAL A 320 -1.96 -21.15 -7.53
N GLU A 321 -1.39 -21.34 -8.74
CA GLU A 321 -2.11 -21.95 -9.89
C GLU A 321 -1.90 -23.47 -9.93
N GLY A 322 -2.90 -24.29 -9.61
CA GLY A 322 -2.92 -25.75 -9.82
C GLY A 322 -2.48 -26.50 -8.56
N LEU A 323 -2.99 -27.69 -8.42
CA LEU A 323 -2.62 -28.60 -7.32
C LEU A 323 -1.12 -28.91 -7.31
N GLU A 324 -0.47 -28.90 -8.47
CA GLU A 324 0.98 -29.21 -8.58
C GLU A 324 1.81 -28.19 -7.78
N SER A 325 1.30 -26.97 -7.61
CA SER A 325 2.06 -25.87 -6.98
C SER A 325 1.68 -25.86 -5.49
N ALA A 326 0.73 -26.72 -5.07
CA ALA A 326 0.23 -26.69 -3.66
C ALA A 326 1.28 -27.07 -2.63
N PRO A 327 2.10 -28.12 -2.83
CA PRO A 327 3.10 -28.42 -1.82
C PRO A 327 4.03 -27.22 -1.61
N ALA A 328 4.59 -26.64 -2.68
CA ALA A 328 5.56 -25.52 -2.54
C ALA A 328 4.86 -24.35 -1.84
N ALA A 329 3.58 -24.12 -2.13
CA ALA A 329 2.85 -22.98 -1.53
C ALA A 329 2.73 -23.22 -0.02
N LEU A 330 2.39 -24.46 0.33
CA LEU A 330 2.24 -24.85 1.74
C LEU A 330 3.54 -24.74 2.54
N ILE A 331 4.66 -25.16 1.94
CA ILE A 331 5.96 -25.02 2.62
C ILE A 331 6.24 -23.52 2.71
N GLY A 332 6.00 -22.79 1.62
CA GLY A 332 6.26 -21.34 1.65
C GLY A 332 5.53 -20.65 2.79
N LEU A 333 4.25 -21.01 3.01
CA LEU A 333 3.53 -20.47 4.15
C LEU A 333 4.21 -20.80 5.48
N TYR A 334 4.61 -22.04 5.63
CA TYR A 334 5.27 -22.45 6.89
C TYR A 334 6.49 -21.62 7.16
N ALA A 335 7.24 -21.28 6.08
CA ALA A 335 8.51 -20.54 6.14
C ALA A 335 8.30 -19.01 6.15
N GLY A 336 7.06 -18.49 6.06
CA GLY A 336 6.83 -17.02 6.05
C GLY A 336 7.13 -16.41 4.68
N ARG A 337 7.13 -17.18 3.63
CA ARG A 337 7.61 -16.67 2.32
C ARG A 337 6.42 -16.15 1.51
N ASN A 338 5.20 -16.51 1.85
CA ASN A 338 3.95 -15.97 1.25
C ASN A 338 3.71 -14.49 1.56
N VAL A 339 2.73 -13.89 0.85
CA VAL A 339 2.26 -12.48 1.06
C VAL A 339 0.72 -12.44 1.12
N GLY A 340 0.21 -12.42 2.35
CA GLY A 340 -1.24 -12.52 2.57
C GLY A 340 -1.71 -13.95 2.47
N LYS A 341 -3.02 -14.15 2.35
CA LYS A 341 -3.63 -15.46 2.57
C LYS A 341 -3.34 -16.36 1.37
N GLN A 342 -2.75 -17.51 1.62
CA GLN A 342 -2.30 -18.45 0.59
C GLN A 342 -3.53 -19.21 0.07
N VAL A 343 -3.87 -19.04 -1.21
CA VAL A 343 -4.91 -19.89 -1.89
C VAL A 343 -4.21 -20.73 -2.96
N VAL A 344 -4.80 -21.86 -3.28
CA VAL A 344 -4.49 -22.76 -4.41
C VAL A 344 -5.73 -22.86 -5.28
N VAL A 345 -5.59 -22.54 -6.55
CA VAL A 345 -6.63 -22.63 -7.61
C VAL A 345 -6.54 -24.03 -8.17
N VAL A 346 -7.37 -24.96 -7.73
CA VAL A 346 -7.39 -26.35 -8.27
C VAL A 346 -8.09 -26.30 -9.62
N SER A 347 -9.25 -25.66 -9.69
CA SER A 347 -10.08 -25.53 -10.90
C SER A 347 -10.93 -24.28 -10.75
N ARG A 348 -11.13 -23.51 -11.80
CA ARG A 348 -11.98 -22.30 -11.72
C ARG A 348 -13.48 -22.70 -11.72
N GLU A 349 -13.91 -23.80 -12.38
CA GLU A 349 -15.33 -24.25 -12.23
C GLU A 349 -15.51 -25.76 -12.49
N ILE B 9 18.96 36.94 15.53
CA ILE B 9 18.66 37.51 14.20
C ILE B 9 19.40 36.76 13.09
N SER B 10 19.77 35.50 13.30
CA SER B 10 20.38 34.64 12.27
C SER B 10 19.30 34.25 11.24
N ASN B 11 19.72 34.10 10.00
CA ASN B 11 18.89 33.69 8.87
C ASN B 11 19.68 32.70 8.06
N LYS B 12 19.55 31.42 8.34
CA LYS B 12 20.29 30.38 7.58
C LYS B 12 19.73 30.35 6.14
N GLN B 13 20.59 30.10 5.18
CA GLN B 13 20.28 30.12 3.76
C GLN B 13 20.98 28.95 3.06
N VAL B 14 20.38 28.54 1.98
CA VAL B 14 21.02 27.64 0.99
C VAL B 14 21.29 28.48 -0.25
N ILE B 15 22.57 28.77 -0.50
CA ILE B 15 23.01 29.64 -1.61
C ILE B 15 23.32 28.71 -2.78
N LEU B 16 22.95 29.10 -4.00
CA LEU B 16 23.60 28.53 -5.20
C LEU B 16 24.97 29.20 -5.38
N LYS B 17 26.00 28.39 -5.19
CA LYS B 17 27.38 28.94 -5.23
C LYS B 17 27.78 29.17 -6.70
N ASP B 18 27.45 28.22 -7.55
CA ASP B 18 27.94 28.16 -8.95
C ASP B 18 26.83 27.63 -9.84
N TYR B 19 26.74 28.18 -11.05
CA TYR B 19 25.92 27.59 -12.12
C TYR B 19 26.41 26.16 -12.39
N VAL B 20 25.41 25.35 -12.75
CA VAL B 20 25.48 23.87 -12.92
C VAL B 20 25.61 23.59 -14.42
N THR B 21 26.54 22.71 -14.73
CA THR B 21 26.63 22.01 -16.05
C THR B 21 26.57 20.50 -15.82
N GLY B 22 25.54 19.85 -16.39
CA GLY B 22 25.37 18.39 -16.24
C GLY B 22 24.57 18.06 -15.00
N PHE B 23 25.11 17.20 -14.11
CA PHE B 23 24.38 16.58 -12.96
C PHE B 23 24.76 17.28 -11.66
N PRO B 24 23.75 17.87 -10.97
CA PRO B 24 24.05 18.64 -9.76
C PRO B 24 24.59 17.80 -8.59
N LYS B 25 25.37 18.46 -7.74
CA LYS B 25 26.01 17.88 -6.55
C LYS B 25 25.62 18.76 -5.36
N GLU B 26 25.69 18.12 -4.20
CA GLU B 26 25.34 18.85 -2.94
C GLU B 26 26.28 20.05 -2.77
N SER B 27 27.55 19.94 -3.18
CA SER B 27 28.61 21.01 -3.00
C SER B 27 28.28 22.23 -3.92
N ASP B 28 27.38 22.03 -4.98
CA ASP B 28 27.04 23.19 -5.86
C ASP B 28 26.25 24.23 -5.01
N MET B 29 25.71 23.81 -3.85
CA MET B 29 25.04 24.72 -2.91
C MET B 29 25.92 24.94 -1.69
N GLN B 30 25.71 26.02 -0.99
CA GLN B 30 26.42 26.38 0.25
C GLN B 30 25.42 26.80 1.30
N LEU B 31 25.48 26.08 2.40
CA LEU B 31 24.77 26.50 3.62
C LEU B 31 25.51 27.68 4.21
N THR B 32 24.81 28.76 4.53
CA THR B 32 25.45 29.94 5.15
C THR B 32 24.45 30.57 6.15
N THR B 33 24.93 31.33 7.11
CA THR B 33 24.11 32.03 8.11
C THR B 33 24.23 33.53 7.85
N ALA B 34 23.21 34.14 7.25
CA ALA B 34 23.08 35.59 7.09
C ALA B 34 22.36 36.10 8.36
N THR B 35 22.08 37.37 8.42
CA THR B 35 21.36 38.02 9.55
C THR B 35 20.20 38.80 8.97
N THR B 36 19.24 39.07 9.83
CA THR B 36 18.04 39.82 9.43
C THR B 36 17.56 40.65 10.62
N LYS B 37 16.91 41.78 10.36
CA LYS B 37 16.24 42.56 11.42
C LYS B 37 14.73 42.37 11.29
N LEU B 38 14.29 41.47 10.42
CA LEU B 38 12.86 41.13 10.24
C LEU B 38 12.08 42.43 10.00
N LYS B 39 12.52 43.29 9.09
CA LYS B 39 11.81 44.54 8.70
C LYS B 39 11.73 44.55 7.18
N LEU B 40 10.56 44.86 6.63
CA LEU B 40 10.39 45.10 5.17
C LEU B 40 11.14 46.36 4.81
N PRO B 41 11.76 46.42 3.60
CA PRO B 41 12.24 47.66 3.07
C PRO B 41 11.12 48.71 3.08
N GLU B 42 11.51 49.95 3.33
CA GLU B 42 10.58 51.08 3.28
C GLU B 42 9.76 51.07 2.02
N GLY B 43 8.45 51.19 2.16
CA GLY B 43 7.54 51.31 1.01
C GLY B 43 7.26 49.99 0.32
N SER B 44 7.86 48.89 0.78
CA SER B 44 7.61 47.58 0.14
C SER B 44 6.11 47.30 0.07
N LYS B 45 5.67 46.73 -1.03
CA LYS B 45 4.31 46.22 -1.23
C LYS B 45 4.28 44.71 -1.06
N GLY B 46 5.39 44.12 -0.60
CA GLY B 46 5.50 42.69 -0.48
C GLY B 46 5.30 42.24 0.95
N VAL B 47 5.73 41.06 1.27
CA VAL B 47 5.67 40.44 2.58
C VAL B 47 7.00 39.96 3.07
N LEU B 48 7.23 40.01 4.35
CA LEU B 48 8.35 39.36 5.03
C LEU B 48 7.78 38.11 5.69
N VAL B 49 8.33 36.95 5.44
CA VAL B 49 7.73 35.69 5.90
C VAL B 49 8.78 34.85 6.61
N LYS B 50 8.31 34.04 7.53
CA LYS B 50 9.07 32.93 8.10
C LYS B 50 8.74 31.68 7.33
N ASN B 51 9.77 31.10 6.68
CA ASN B 51 9.55 29.89 5.88
C ASN B 51 9.33 28.68 6.78
N LEU B 52 8.29 27.90 6.47
CA LEU B 52 7.95 26.70 7.27
C LEU B 52 8.33 25.45 6.47
N TYR B 53 7.84 25.34 5.25
CA TYR B 53 8.06 24.14 4.43
C TYR B 53 8.52 24.61 3.08
N LEU B 54 9.51 23.85 2.50
CA LEU B 54 10.01 24.11 1.13
C LEU B 54 9.84 22.87 0.26
N SER B 55 9.39 23.07 -0.96
CA SER B 55 9.25 21.97 -1.94
C SER B 55 10.60 21.67 -2.65
N CYS B 56 10.81 20.41 -2.94
CA CYS B 56 11.78 20.05 -3.99
C CYS B 56 10.94 19.59 -5.17
N ASP B 57 11.00 20.29 -6.31
CA ASP B 57 10.21 20.01 -7.52
C ASP B 57 11.13 19.74 -8.71
N PRO B 58 10.81 18.79 -9.59
CA PRO B 58 11.66 18.48 -10.75
C PRO B 58 12.13 19.67 -11.60
N TYR B 59 11.24 20.66 -11.81
CA TYR B 59 11.47 21.88 -12.65
C TYR B 59 12.70 22.66 -12.14
N MET B 60 13.10 22.44 -10.89
CA MET B 60 14.20 23.20 -10.30
C MET B 60 15.52 22.79 -10.97
N ARG B 61 15.82 21.48 -11.03
CA ARG B 61 17.01 20.87 -11.71
C ARG B 61 17.45 21.77 -12.86
N SER B 62 16.51 22.03 -13.78
CA SER B 62 16.84 22.81 -15.01
C SER B 62 17.42 24.15 -14.56
N ARG B 63 16.67 24.81 -13.67
CA ARG B 63 16.90 26.22 -13.24
C ARG B 63 18.36 26.71 -12.62
N MET B 64 19.28 25.46 -12.37
CA MET B 64 20.65 25.75 -11.84
C MET B 64 21.69 25.88 -12.98
N THR B 65 21.26 25.54 -14.19
CA THR B 65 22.03 25.78 -15.42
C THR B 65 21.70 27.18 -15.89
N LYS B 66 22.74 27.92 -16.30
CA LYS B 66 22.66 29.33 -16.71
C LYS B 66 22.16 29.38 -18.16
N ARG B 67 21.20 30.26 -18.43
CA ARG B 67 20.54 30.45 -19.75
C ARG B 67 19.90 31.84 -19.75
N GLU B 68 19.57 32.41 -20.91
CA GLU B 68 18.85 33.69 -21.03
C GLU B 68 17.37 33.37 -20.76
N PRO B 69 16.44 34.32 -20.69
CA PRO B 69 15.03 33.98 -20.96
C PRO B 69 14.83 33.01 -22.17
N GLY B 70 14.48 31.72 -21.96
CA GLY B 70 14.60 30.65 -23.00
C GLY B 70 13.96 29.31 -22.68
N ALA B 71 13.75 28.97 -21.41
CA ALA B 71 12.95 27.82 -20.89
C ALA B 71 11.68 28.37 -20.23
N SER B 72 10.91 27.53 -19.52
CA SER B 72 9.62 27.87 -18.85
C SER B 72 9.87 28.48 -17.47
N ASP B 75 13.36 30.77 -15.85
CA ASP B 75 14.66 31.50 -15.83
C ASP B 75 15.59 30.91 -14.76
N SER B 76 16.91 30.83 -15.03
CA SER B 76 17.85 30.16 -14.11
C SER B 76 17.84 30.82 -12.74
N PHE B 77 18.27 30.10 -11.72
CA PHE B 77 18.63 30.69 -10.40
C PHE B 77 19.69 31.79 -10.56
N ASP B 78 19.82 32.64 -9.55
CA ASP B 78 20.94 33.61 -9.47
C ASP B 78 22.10 33.03 -8.64
N ALA B 79 23.32 32.98 -9.22
CA ALA B 79 24.52 32.54 -8.45
C ALA B 79 24.73 33.54 -7.31
N GLY B 80 25.07 33.05 -6.11
CA GLY B 80 25.37 33.90 -4.94
C GLY B 80 24.13 34.18 -4.13
N SER B 81 22.93 33.82 -4.59
CA SER B 81 21.67 34.12 -3.90
C SER B 81 21.11 32.81 -3.43
N PRO B 82 20.15 32.87 -2.49
CA PRO B 82 19.43 31.66 -2.12
C PRO B 82 18.73 30.98 -3.31
N ILE B 83 18.69 29.66 -3.25
CA ILE B 83 17.74 28.86 -4.06
C ILE B 83 16.33 29.43 -3.78
N VAL B 84 15.51 29.47 -4.79
CA VAL B 84 14.08 29.84 -4.56
C VAL B 84 13.23 28.73 -5.11
N GLY B 85 12.00 28.65 -4.54
CA GLY B 85 11.07 27.60 -4.94
C GLY B 85 9.78 27.72 -4.13
N TYR B 86 8.83 26.86 -4.46
CA TYR B 86 7.53 26.93 -3.73
C TYR B 86 7.76 26.54 -2.29
N GLY B 87 7.03 27.21 -1.40
CA GLY B 87 7.03 26.86 0.01
C GLY B 87 5.71 27.27 0.67
N VAL B 88 5.67 27.04 1.96
CA VAL B 88 4.58 27.48 2.86
C VAL B 88 5.24 28.32 3.91
N ALA B 89 4.70 29.49 4.21
CA ALA B 89 5.33 30.45 5.10
C ALA B 89 4.27 31.19 5.91
N LYS B 90 4.76 31.77 6.98
CA LYS B 90 3.97 32.61 7.90
C LYS B 90 4.34 34.06 7.72
N VAL B 91 3.37 34.91 7.45
CA VAL B 91 3.58 36.35 7.26
C VAL B 91 4.01 36.97 8.57
N LEU B 92 5.07 37.72 8.57
CA LEU B 92 5.56 38.52 9.71
C LEU B 92 5.24 39.99 9.53
N GLU B 93 5.37 40.51 8.32
CA GLU B 93 5.12 41.91 8.00
C GLU B 93 4.60 42.00 6.59
N SER B 94 3.73 42.96 6.30
CA SER B 94 3.10 43.09 4.98
C SER B 94 2.95 44.54 4.59
N GLY B 95 3.20 44.85 3.32
CA GLY B 95 2.85 46.09 2.67
C GLY B 95 1.69 45.92 1.71
N ASP B 96 1.01 44.79 1.79
CA ASP B 96 -0.18 44.47 0.97
C ASP B 96 -1.32 44.15 1.94
N PRO B 97 -2.38 44.98 2.01
CA PRO B 97 -3.44 44.74 3.01
C PRO B 97 -4.19 43.40 2.84
N LYS B 98 -4.06 42.72 1.74
CA LYS B 98 -4.52 41.32 1.58
C LYS B 98 -3.85 40.37 2.54
N PHE B 99 -2.66 40.69 3.04
CA PHE B 99 -1.87 39.77 3.89
C PHE B 99 -1.48 40.51 5.16
N LYS B 100 -1.62 39.80 6.27
CA LYS B 100 -1.41 40.34 7.62
C LYS B 100 -0.54 39.39 8.40
N LYS B 101 0.14 39.95 9.37
CA LYS B 101 0.95 39.15 10.32
C LYS B 101 0.13 37.97 10.80
N GLY B 102 0.70 36.80 10.75
CA GLY B 102 0.13 35.52 11.20
C GLY B 102 -0.56 34.76 10.09
N ASP B 103 -0.82 35.39 8.94
CA ASP B 103 -1.44 34.62 7.86
C ASP B 103 -0.46 33.54 7.37
N LEU B 104 -0.94 32.40 6.94
CA LEU B 104 -0.14 31.35 6.32
C LEU B 104 -0.40 31.45 4.82
N ILE B 105 0.69 31.37 4.07
CA ILE B 105 0.63 31.52 2.61
C ILE B 105 1.42 30.37 1.96
N TRP B 106 1.13 30.16 0.69
CA TRP B 106 2.05 29.37 -0.19
C TRP B 106 2.30 30.18 -1.44
N GLY B 107 3.52 29.91 -1.97
CA GLY B 107 4.01 30.56 -3.21
C GLY B 107 5.52 30.42 -3.30
N MET B 108 6.10 31.21 -4.20
CA MET B 108 7.55 31.20 -4.42
C MET B 108 8.20 31.96 -3.27
N THR B 109 9.18 31.34 -2.63
CA THR B 109 9.90 31.91 -1.50
C THR B 109 11.39 31.50 -1.59
N GLY B 110 12.17 31.97 -0.65
CA GLY B 110 13.62 31.64 -0.63
C GLY B 110 13.91 30.44 0.19
N TRP B 111 15.05 29.83 -0.15
CA TRP B 111 15.59 28.72 0.66
C TRP B 111 16.38 29.31 1.82
N GLU B 112 15.65 29.78 2.82
CA GLU B 112 16.23 30.47 3.97
C GLU B 112 15.19 30.48 5.06
N GLU B 113 15.57 30.84 6.25
CA GLU B 113 14.58 30.89 7.35
C GLU B 113 13.58 32.00 7.18
N TYR B 114 13.98 33.12 6.63
CA TYR B 114 13.15 34.33 6.52
C TYR B 114 13.32 34.96 5.14
N SER B 115 12.25 35.22 4.43
CA SER B 115 12.29 35.79 3.07
C SER B 115 11.51 37.05 2.95
N VAL B 116 11.98 37.99 2.13
CA VAL B 116 11.21 39.12 1.57
C VAL B 116 10.69 38.70 0.22
N ILE B 117 9.40 38.63 0.04
CA ILE B 117 8.76 38.33 -1.26
C ILE B 117 8.24 39.65 -1.75
N THR B 118 8.88 40.18 -2.79
CA THR B 118 8.73 41.61 -3.16
C THR B 118 7.32 41.92 -3.65
N SER B 119 6.72 41.00 -4.37
CA SER B 119 5.39 41.10 -4.96
C SER B 119 4.55 39.95 -4.42
N THR B 120 3.28 40.22 -4.26
CA THR B 120 2.35 39.23 -3.68
C THR B 120 1.40 38.63 -4.70
N GLU B 121 1.54 38.98 -5.98
CA GLU B 121 0.51 38.63 -6.98
C GLU B 121 0.39 37.12 -7.10
N SER B 122 1.45 36.35 -6.79
CA SER B 122 1.48 34.86 -6.91
C SER B 122 1.61 34.17 -5.56
N LEU B 123 1.03 34.78 -4.55
CA LEU B 123 0.83 34.18 -3.21
C LEU B 123 -0.63 33.82 -3.00
N PHE B 124 -0.86 32.73 -2.33
CA PHE B 124 -2.22 32.31 -1.90
C PHE B 124 -2.23 32.24 -0.40
N LYS B 125 -3.30 32.86 0.21
CA LYS B 125 -3.47 32.77 1.68
C LYS B 125 -4.27 31.52 1.99
N ILE B 126 -3.69 30.65 2.76
CA ILE B 126 -4.31 29.41 3.17
C ILE B 126 -5.49 29.67 4.11
N GLN B 127 -6.53 28.90 3.87
CA GLN B 127 -7.77 28.94 4.70
C GLN B 127 -7.88 27.66 5.47
N HIS B 128 -7.87 26.52 4.77
CA HIS B 128 -8.11 25.20 5.38
C HIS B 128 -6.83 24.73 6.05
N ILE B 129 -6.82 24.73 7.36
CA ILE B 129 -5.66 24.32 8.19
C ILE B 129 -6.01 23.00 8.92
N ASP B 130 -7.09 22.36 8.50
CA ASP B 130 -7.45 21.00 8.99
C ASP B 130 -6.89 19.92 8.05
N VAL B 131 -5.86 20.28 7.29
CA VAL B 131 -5.00 19.31 6.54
C VAL B 131 -3.57 19.71 6.89
N PRO B 132 -2.58 18.82 6.73
CA PRO B 132 -1.19 19.21 7.02
C PRO B 132 -0.76 20.41 6.16
N LEU B 133 -0.11 21.37 6.76
CA LEU B 133 0.34 22.55 5.98
C LEU B 133 1.29 22.14 4.84
N SER B 134 2.06 21.09 5.03
CA SER B 134 3.01 20.62 4.00
C SER B 134 2.26 20.27 2.74
N TYR B 135 0.95 19.93 2.83
CA TYR B 135 0.23 19.53 1.61
C TYR B 135 0.14 20.70 0.61
N TYR B 136 0.32 21.96 1.03
CA TYR B 136 0.27 23.10 0.12
C TYR B 136 1.59 23.27 -0.68
N THR B 137 2.51 22.34 -0.52
CA THR B 137 3.69 22.21 -1.42
C THR B 137 3.45 21.08 -2.42
N GLY B 138 2.37 20.32 -2.34
CA GLY B 138 2.19 19.13 -3.17
C GLY B 138 0.77 19.09 -3.69
N ILE B 139 0.02 18.13 -3.10
CA ILE B 139 -1.39 17.86 -3.55
C ILE B 139 -2.24 19.14 -3.58
N LEU B 140 -2.02 20.06 -2.66
CA LEU B 140 -2.85 21.28 -2.63
C LEU B 140 -2.16 22.51 -3.20
N GLY B 141 -0.92 22.34 -3.67
CA GLY B 141 -0.14 23.43 -4.31
C GLY B 141 0.04 23.23 -5.78
N MET B 142 1.22 23.72 -6.26
CA MET B 142 1.52 23.69 -7.71
C MET B 142 1.45 22.28 -8.31
N PRO B 143 1.95 21.22 -7.64
CA PRO B 143 1.90 19.92 -8.27
C PRO B 143 0.49 19.38 -8.45
N GLY B 144 -0.37 19.58 -7.41
CA GLY B 144 -1.76 19.16 -7.58
C GLY B 144 -2.49 19.91 -8.65
N MET B 145 -2.25 21.22 -8.67
CA MET B 145 -2.87 22.04 -9.72
C MET B 145 -2.44 21.57 -11.11
N THR B 146 -1.14 21.18 -11.21
CA THR B 146 -0.56 20.71 -12.47
C THR B 146 -1.33 19.44 -12.93
N ALA B 147 -1.49 18.52 -11.98
CA ALA B 147 -2.20 17.26 -12.29
C ALA B 147 -3.64 17.59 -12.78
N TYR B 148 -4.31 18.51 -12.06
CA TYR B 148 -5.72 18.82 -12.38
C TYR B 148 -5.79 19.41 -13.77
N ALA B 149 -4.94 20.43 -14.02
CA ALA B 149 -4.97 21.12 -15.32
C ALA B 149 -4.63 20.10 -16.42
N GLY B 150 -3.53 19.37 -16.25
CA GLY B 150 -3.11 18.47 -17.34
C GLY B 150 -4.17 17.41 -17.60
N PHE B 151 -4.66 16.77 -16.54
CA PHE B 151 -5.60 15.66 -16.77
C PHE B 151 -6.95 16.17 -17.30
N TYR B 152 -7.55 17.14 -16.59
CA TYR B 152 -8.91 17.55 -17.00
C TYR B 152 -8.94 18.48 -18.20
N GLU B 153 -7.92 19.32 -18.35
CA GLU B 153 -7.99 20.33 -19.43
C GLU B 153 -7.24 19.95 -20.67
N ILE B 154 -6.24 19.05 -20.55
CA ILE B 154 -5.42 18.62 -21.71
C ILE B 154 -5.86 17.26 -22.21
N CYS B 155 -6.12 16.32 -21.35
CA CYS B 155 -6.28 14.94 -21.75
C CYS B 155 -7.68 14.56 -22.30
N ASN B 156 -8.68 15.46 -22.16
CA ASN B 156 -10.08 15.18 -22.56
C ASN B 156 -10.49 13.77 -22.13
N PRO B 157 -10.32 13.45 -20.83
CA PRO B 157 -10.50 12.08 -20.41
C PRO B 157 -11.99 11.69 -20.29
N LYS B 158 -12.24 10.43 -20.51
CA LYS B 158 -13.61 9.87 -20.45
C LYS B 158 -13.57 8.54 -19.71
N LYS B 159 -14.73 8.27 -19.06
CA LYS B 159 -14.90 6.97 -18.47
C LYS B 159 -14.55 5.86 -19.45
N GLY B 160 -13.94 4.84 -18.91
CA GLY B 160 -13.54 3.68 -19.72
C GLY B 160 -12.25 3.83 -20.51
N GLU B 161 -11.67 5.00 -20.53
CA GLU B 161 -10.38 5.13 -21.25
C GLU B 161 -9.29 4.48 -20.42
N THR B 162 -8.22 4.09 -21.13
CA THR B 162 -6.97 3.58 -20.54
C THR B 162 -5.94 4.71 -20.41
N VAL B 163 -5.30 4.74 -19.26
CA VAL B 163 -4.41 5.83 -18.88
C VAL B 163 -3.12 5.23 -18.39
N PHE B 164 -2.03 5.78 -18.95
CA PHE B 164 -0.66 5.46 -18.47
C PHE B 164 -0.02 6.73 -17.92
N VAL B 165 0.62 6.63 -16.78
CA VAL B 165 1.27 7.75 -16.13
C VAL B 165 2.73 7.40 -15.87
N SER B 166 3.66 8.21 -16.40
CA SER B 166 5.08 8.03 -16.04
C SER B 166 5.41 8.84 -14.79
N ALA B 167 6.49 8.51 -14.13
CA ALA B 167 6.84 9.09 -12.80
C ALA B 167 5.58 9.08 -11.91
N ALA B 168 4.94 7.93 -11.84
CA ALA B 168 3.56 7.94 -11.30
C ALA B 168 3.56 8.14 -9.80
N SER B 169 4.65 7.87 -9.11
CA SER B 169 4.65 8.03 -7.63
C SER B 169 5.09 9.44 -7.20
N GLY B 170 5.38 10.33 -8.16
CA GLY B 170 5.64 11.71 -7.81
C GLY B 170 4.36 12.48 -7.50
N ALA B 171 4.43 13.72 -7.06
CA ALA B 171 3.14 14.35 -6.64
C ALA B 171 2.20 14.54 -7.79
N VAL B 172 2.73 14.91 -8.96
CA VAL B 172 1.81 15.10 -10.06
C VAL B 172 1.20 13.77 -10.44
N GLY B 173 2.01 12.76 -10.67
CA GLY B 173 1.48 11.48 -11.14
C GLY B 173 0.52 10.88 -10.14
N GLN B 174 0.86 10.94 -8.88
CA GLN B 174 -0.02 10.38 -7.81
C GLN B 174 -1.46 10.87 -7.98
N LEU B 175 -1.57 12.14 -8.23
CA LEU B 175 -2.88 12.76 -8.29
C LEU B 175 -3.54 12.50 -9.63
N VAL B 176 -2.80 12.58 -10.75
CA VAL B 176 -3.41 12.19 -12.05
C VAL B 176 -3.99 10.79 -11.93
N GLY B 177 -3.27 9.82 -11.41
CA GLY B 177 -3.77 8.46 -11.42
C GLY B 177 -5.09 8.35 -10.57
N GLN B 178 -5.10 9.03 -9.47
CA GLN B 178 -6.37 9.08 -8.60
C GLN B 178 -7.49 9.74 -9.34
N PHE B 179 -7.27 10.86 -9.98
CA PHE B 179 -8.33 11.51 -10.77
C PHE B 179 -8.82 10.54 -11.80
N ALA B 180 -7.90 9.85 -12.50
CA ALA B 180 -8.34 8.93 -13.55
C ALA B 180 -9.17 7.78 -12.97
N LYS B 181 -8.74 7.25 -11.89
CA LYS B 181 -9.54 6.17 -11.25
C LYS B 181 -10.95 6.70 -10.87
N LEU B 182 -11.01 7.90 -10.29
CA LEU B 182 -12.32 8.45 -9.91
C LEU B 182 -13.17 8.56 -11.12
N LEU B 183 -12.67 8.90 -12.27
CA LEU B 183 -13.42 9.12 -13.51
C LEU B 183 -13.90 7.81 -14.09
N GLY B 184 -13.39 6.68 -13.62
CA GLY B 184 -13.77 5.40 -14.23
C GLY B 184 -12.84 4.96 -15.31
N CYS B 185 -11.53 5.34 -15.24
CA CYS B 185 -10.50 4.89 -16.21
C CYS B 185 -9.78 3.71 -15.61
N TYR B 186 -9.14 2.96 -16.50
CA TYR B 186 -8.13 1.93 -16.18
C TYR B 186 -6.74 2.61 -16.17
N VAL B 187 -6.03 2.52 -15.07
CA VAL B 187 -4.82 3.33 -14.85
C VAL B 187 -3.64 2.49 -14.44
N VAL B 188 -2.53 2.69 -15.18
CA VAL B 188 -1.24 2.04 -14.90
C VAL B 188 -0.18 3.11 -14.75
N GLY B 189 0.75 2.88 -13.84
CA GLY B 189 1.86 3.80 -13.64
C GLY B 189 3.22 3.11 -13.73
N SER B 190 4.25 3.88 -14.09
CA SER B 190 5.65 3.45 -13.98
C SER B 190 6.34 4.20 -12.89
N ALA B 191 7.24 3.48 -12.24
CA ALA B 191 8.09 4.07 -11.21
C ALA B 191 9.38 3.26 -11.13
N GLY B 192 10.28 3.71 -10.27
CA GLY B 192 11.65 3.19 -10.30
C GLY B 192 12.02 2.25 -9.19
N SER B 193 11.11 1.70 -8.40
CA SER B 193 11.45 0.78 -7.31
C SER B 193 10.24 -0.09 -7.07
N LYS B 194 10.45 -1.22 -6.45
CA LYS B 194 9.34 -2.08 -5.98
C LYS B 194 8.52 -1.33 -4.94
N GLU B 195 9.15 -0.63 -4.05
CA GLU B 195 8.42 0.17 -3.03
C GLU B 195 7.43 1.09 -3.73
N LYS B 196 7.86 1.78 -4.75
CA LYS B 196 6.99 2.77 -5.43
C LYS B 196 5.88 2.09 -6.23
N VAL B 197 6.17 0.99 -6.89
CA VAL B 197 5.14 0.17 -7.57
C VAL B 197 4.08 -0.28 -6.56
N ASP B 198 4.55 -0.79 -5.44
CA ASP B 198 3.61 -1.31 -4.40
C ASP B 198 2.78 -0.13 -3.87
N LEU B 199 3.34 1.03 -3.71
CA LEU B 199 2.60 2.23 -3.28
C LEU B 199 1.50 2.52 -4.30
N LEU B 200 1.82 2.51 -5.59
CA LEU B 200 0.86 2.85 -6.62
C LEU B 200 -0.33 1.89 -6.53
N LYS B 201 -0.08 0.64 -6.37
CA LYS B 201 -1.18 -0.34 -6.35
C LYS B 201 -1.95 -0.31 -5.00
N ASN B 202 -1.22 -0.21 -3.90
CA ASN B 202 -1.79 -0.44 -2.58
C ASN B 202 -2.26 0.85 -1.94
N LYS B 203 -1.65 1.99 -2.13
CA LYS B 203 -2.00 3.26 -1.51
C LYS B 203 -2.89 4.05 -2.46
N PHE B 204 -2.54 4.10 -3.74
CA PHE B 204 -3.22 4.99 -4.71
C PHE B 204 -4.29 4.33 -5.56
N GLY B 205 -4.42 3.01 -5.47
CA GLY B 205 -5.48 2.30 -6.17
C GLY B 205 -5.31 2.25 -7.67
N PHE B 206 -4.08 2.36 -8.17
CA PHE B 206 -3.84 2.15 -9.59
C PHE B 206 -4.20 0.70 -9.93
N ASP B 207 -4.73 0.47 -11.13
CA ASP B 207 -5.03 -0.89 -11.56
C ASP B 207 -3.73 -1.70 -11.62
N LYS B 208 -2.65 -1.06 -12.07
CA LYS B 208 -1.36 -1.80 -12.11
C LYS B 208 -0.24 -0.79 -12.17
N ALA B 209 0.97 -1.34 -12.05
CA ALA B 209 2.17 -0.49 -12.06
C ALA B 209 3.37 -1.41 -12.29
N PHE B 210 4.47 -0.81 -12.77
CA PHE B 210 5.70 -1.62 -12.97
C PHE B 210 6.88 -0.70 -12.77
N ASN B 211 7.96 -1.44 -12.45
CA ASN B 211 9.29 -0.86 -12.18
C ASN B 211 10.02 -0.77 -13.52
N TYR B 212 10.13 0.38 -14.09
CA TYR B 212 10.72 0.53 -15.43
C TYR B 212 12.18 0.10 -15.41
N LYS B 213 12.87 0.24 -14.31
CA LYS B 213 14.32 -0.04 -14.21
C LYS B 213 14.58 -1.54 -14.29
N GLU B 214 13.58 -2.40 -14.15
CA GLU B 214 13.74 -3.86 -14.15
C GLU B 214 13.10 -4.50 -15.39
N GLU B 215 12.59 -3.72 -16.34
CA GLU B 215 12.00 -4.27 -17.56
C GLU B 215 13.02 -4.28 -18.68
N PRO B 216 13.30 -5.43 -19.31
CA PRO B 216 14.24 -5.42 -20.42
C PRO B 216 13.66 -4.86 -21.72
N ASP B 217 12.33 -4.75 -21.78
CA ASP B 217 11.61 -4.43 -23.02
C ASP B 217 10.38 -3.62 -22.60
N LEU B 218 10.42 -2.31 -22.72
CA LEU B 218 9.31 -1.48 -22.27
C LEU B 218 8.08 -1.70 -23.14
N ASP B 219 8.23 -1.98 -24.42
CA ASP B 219 7.07 -2.36 -25.25
C ASP B 219 6.34 -3.57 -24.67
N ALA B 220 7.06 -4.61 -24.30
CA ALA B 220 6.43 -5.80 -23.76
C ALA B 220 5.75 -5.47 -22.43
N ALA B 221 6.38 -4.66 -21.61
CA ALA B 221 5.75 -4.26 -20.34
C ALA B 221 4.41 -3.56 -20.58
N LEU B 222 4.43 -2.59 -21.50
CA LEU B 222 3.19 -1.84 -21.73
C LEU B 222 2.15 -2.79 -22.32
N LYS B 223 2.49 -3.71 -23.19
CA LYS B 223 1.53 -4.65 -23.76
C LYS B 223 0.97 -5.60 -22.68
N ARG B 224 1.71 -5.90 -21.62
CA ARG B 224 1.15 -6.74 -20.50
C ARG B 224 -0.05 -6.01 -19.91
N TYR B 225 0.06 -4.71 -19.76
CA TYR B 225 -0.97 -3.97 -19.02
C TYR B 225 -2.00 -3.38 -19.94
N PHE B 226 -1.67 -3.13 -21.19
CA PHE B 226 -2.57 -2.46 -22.13
C PHE B 226 -2.73 -3.33 -23.35
N PRO B 227 -3.55 -4.39 -23.23
CA PRO B 227 -3.74 -5.28 -24.35
C PRO B 227 -4.38 -4.62 -25.58
N GLU B 228 -5.13 -3.54 -25.38
CA GLU B 228 -5.76 -2.83 -26.50
C GLU B 228 -5.19 -1.40 -26.62
N GLY B 229 -4.02 -1.16 -26.02
CA GLY B 229 -3.37 0.13 -26.14
C GLY B 229 -3.79 1.18 -25.11
N ILE B 230 -3.26 2.35 -25.24
CA ILE B 230 -3.31 3.48 -24.27
C ILE B 230 -4.04 4.63 -24.88
N ASP B 231 -5.17 5.05 -24.26
CA ASP B 231 -5.89 6.26 -24.71
C ASP B 231 -5.17 7.56 -24.33
N ILE B 232 -4.63 7.58 -23.14
CA ILE B 232 -4.03 8.76 -22.55
C ILE B 232 -2.71 8.38 -21.94
N TYR B 233 -1.68 9.15 -22.34
CA TYR B 233 -0.37 9.10 -21.66
C TYR B 233 -0.13 10.44 -21.00
N PHE B 234 0.02 10.41 -19.66
CA PHE B 234 0.39 11.59 -18.91
C PHE B 234 1.94 11.51 -18.72
N GLU B 235 2.58 12.37 -19.51
CA GLU B 235 4.05 12.31 -19.72
C GLU B 235 4.75 13.25 -18.76
N ASN B 236 5.56 12.66 -17.88
CA ASN B 236 6.41 13.39 -16.94
C ASN B 236 7.92 13.20 -17.24
N VAL B 237 8.25 12.22 -18.09
CA VAL B 237 9.64 11.74 -18.13
C VAL B 237 10.30 11.91 -19.52
N GLY B 238 9.63 11.57 -20.58
CA GLY B 238 10.22 11.59 -21.93
C GLY B 238 11.12 10.42 -22.16
N GLY B 239 12.12 10.62 -23.03
CA GLY B 239 13.16 9.60 -23.27
C GLY B 239 12.63 8.28 -23.71
N LYS B 240 13.19 7.19 -23.19
CA LYS B 240 12.84 5.88 -23.70
C LYS B 240 11.37 5.56 -23.44
N MET B 241 10.81 5.97 -22.29
CA MET B 241 9.38 5.66 -22.02
C MET B 241 8.49 6.27 -23.09
N LEU B 242 8.74 7.51 -23.51
CA LEU B 242 7.96 8.11 -24.58
C LEU B 242 7.97 7.27 -25.83
N ASP B 243 9.20 6.89 -26.23
CA ASP B 243 9.33 6.04 -27.45
C ASP B 243 8.62 4.71 -27.31
N ALA B 244 8.65 4.13 -26.13
CA ALA B 244 7.94 2.84 -25.96
C ALA B 244 6.42 3.07 -25.98
N VAL B 245 5.93 4.20 -25.46
CA VAL B 245 4.49 4.48 -25.37
C VAL B 245 3.93 4.72 -26.76
N LEU B 246 4.64 5.45 -27.63
CA LEU B 246 4.02 5.91 -28.89
C LEU B 246 3.42 4.78 -29.69
N PRO B 247 4.09 3.60 -29.94
CA PRO B 247 3.51 2.54 -30.74
C PRO B 247 2.32 1.83 -30.05
N ASN B 248 2.13 2.11 -28.77
CA ASN B 248 1.07 1.52 -27.93
C ASN B 248 -0.12 2.51 -27.79
N MET B 249 -0.15 3.65 -28.41
CA MET B 249 -1.29 4.55 -28.29
C MET B 249 -2.40 4.00 -29.13
N ARG B 250 -3.63 4.28 -28.63
CA ARG B 250 -4.87 4.04 -29.37
C ARG B 250 -5.14 5.18 -30.35
N VAL B 251 -5.98 4.84 -31.31
CA VAL B 251 -6.42 5.85 -32.28
C VAL B 251 -7.05 6.99 -31.48
N HIS B 252 -6.77 8.22 -31.87
CA HIS B 252 -7.24 9.45 -31.25
C HIS B 252 -6.73 9.52 -29.81
N GLY B 253 -5.66 8.80 -29.50
CA GLY B 253 -5.06 8.95 -28.19
C GLY B 253 -4.43 10.31 -27.96
N ARG B 254 -4.16 10.59 -26.71
CA ARG B 254 -3.64 11.87 -26.27
C ARG B 254 -2.46 11.69 -25.36
N ILE B 255 -1.45 12.54 -25.61
CA ILE B 255 -0.28 12.63 -24.72
C ILE B 255 -0.22 14.05 -24.17
N ALA B 256 -0.36 14.14 -22.83
CA ALA B 256 -0.22 15.42 -22.16
C ALA B 256 1.22 15.52 -21.73
N VAL B 257 1.94 16.49 -22.36
CA VAL B 257 3.38 16.63 -22.09
C VAL B 257 3.56 17.63 -20.92
N CYS B 258 3.70 17.05 -19.75
CA CYS B 258 3.84 17.78 -18.52
C CYS B 258 5.29 18.08 -18.19
N GLY B 259 6.12 17.06 -18.31
CA GLY B 259 7.56 17.19 -18.08
C GLY B 259 8.29 16.18 -18.92
N LEU B 260 9.58 16.44 -19.07
CA LEU B 260 10.48 15.54 -19.82
C LEU B 260 11.71 15.38 -18.99
N ILE B 261 11.61 14.98 -17.71
CA ILE B 261 12.69 15.10 -16.69
C ILE B 261 13.92 14.27 -17.09
N SER B 262 13.71 13.16 -17.75
CA SER B 262 14.83 12.35 -18.24
C SER B 262 15.80 13.16 -19.12
N GLN B 263 15.35 14.28 -19.75
CA GLN B 263 16.14 14.97 -20.80
C GLN B 263 17.21 15.81 -20.16
N TYR B 264 17.14 16.01 -18.85
CA TYR B 264 18.31 16.62 -18.15
C TYR B 264 19.37 15.59 -17.73
N ASN B 265 19.09 14.27 -17.79
CA ASN B 265 20.14 13.21 -17.57
C ASN B 265 20.93 13.00 -18.88
N ILE B 266 22.21 13.33 -18.87
CA ILE B 266 23.03 13.19 -20.12
C ILE B 266 23.12 11.71 -20.52
N ASP B 267 22.96 10.76 -19.61
CA ASP B 267 23.02 9.32 -19.97
C ASP B 267 21.71 8.87 -20.63
N GLU B 268 20.68 9.72 -20.67
CA GLU B 268 19.37 9.31 -21.26
C GLU B 268 19.41 9.52 -22.77
N PRO B 269 18.87 8.56 -23.57
CA PRO B 269 18.74 8.77 -25.00
C PRO B 269 18.24 10.22 -25.22
N GLU B 270 18.99 11.01 -25.99
CA GLU B 270 18.41 12.21 -26.63
C GLU B 270 17.66 11.68 -27.87
N GLY B 271 16.54 12.32 -28.19
CA GLY B 271 15.77 12.15 -29.45
C GLY B 271 14.62 11.16 -29.42
N CYS B 272 13.46 11.63 -29.74
CA CYS B 272 12.28 10.74 -29.83
C CYS B 272 12.16 10.17 -31.23
N ARG B 273 12.13 8.87 -31.40
CA ARG B 273 12.27 8.31 -32.77
C ARG B 273 10.97 7.75 -33.30
N ASN B 274 9.88 7.75 -32.49
CA ASN B 274 8.62 7.08 -32.90
C ASN B 274 7.48 8.08 -33.18
N LEU B 275 7.78 9.27 -33.64
CA LEU B 275 6.74 10.24 -33.96
C LEU B 275 5.88 9.82 -35.12
N MET B 276 6.31 8.85 -35.95
CA MET B 276 5.37 8.39 -36.98
C MET B 276 4.04 7.90 -36.39
N TYR B 277 4.10 7.36 -35.18
CA TYR B 277 2.84 6.90 -34.55
C TYR B 277 1.88 8.04 -34.26
N LEU B 278 2.31 9.28 -34.21
CA LEU B 278 1.32 10.37 -34.17
C LEU B 278 0.42 10.30 -35.37
N ILE B 279 0.94 10.02 -36.54
CA ILE B 279 0.14 9.88 -37.78
C ILE B 279 -0.64 8.57 -37.74
N ILE B 280 0.05 7.46 -37.53
CA ILE B 280 -0.56 6.12 -37.63
C ILE B 280 -1.77 6.02 -36.68
N LYS B 281 -1.63 6.56 -35.48
CA LYS B 281 -2.69 6.47 -34.46
C LYS B 281 -3.40 7.81 -34.27
N GLN B 282 -3.13 8.81 -35.08
CA GLN B 282 -3.86 10.08 -35.04
C GLN B 282 -3.85 10.60 -33.59
N VAL B 283 -2.67 10.79 -33.02
CA VAL B 283 -2.49 11.19 -31.64
C VAL B 283 -2.25 12.66 -31.51
N ARG B 284 -2.85 13.27 -30.48
CA ARG B 284 -2.64 14.64 -30.05
C ARG B 284 -1.67 14.67 -28.90
N MET B 285 -0.45 15.22 -29.17
CA MET B 285 0.59 15.35 -28.18
C MET B 285 0.78 16.81 -27.87
N GLN B 286 0.40 17.20 -26.63
CA GLN B 286 0.19 18.62 -26.31
C GLN B 286 0.86 18.98 -25.03
N GLY B 287 1.77 19.97 -25.05
CA GLY B 287 2.39 20.49 -23.84
C GLY B 287 1.55 21.58 -23.21
N PHE B 288 1.82 21.77 -21.94
CA PHE B 288 1.06 22.78 -21.19
C PHE B 288 1.96 23.26 -20.04
N LEU B 289 1.55 24.42 -19.52
CA LEU B 289 2.16 25.01 -18.31
C LEU B 289 1.04 25.30 -17.29
N VAL B 290 1.26 24.92 -16.06
CA VAL B 290 0.21 25.10 -15.03
C VAL B 290 -0.08 26.59 -14.87
N PHE B 291 0.84 27.50 -15.19
CA PHE B 291 0.62 28.95 -14.98
C PHE B 291 -0.64 29.41 -15.70
N SER B 292 -0.97 28.82 -16.85
CA SER B 292 -2.14 29.19 -17.69
C SER B 292 -3.48 28.75 -17.02
N TYR B 293 -3.42 28.03 -15.92
CA TYR B 293 -4.64 27.37 -15.37
C TYR B 293 -4.93 27.76 -13.93
N TYR B 294 -4.23 28.71 -13.37
CA TYR B 294 -4.54 29.09 -11.96
C TYR B 294 -5.90 29.75 -11.78
N HIS B 295 -6.54 30.21 -12.85
CA HIS B 295 -7.97 30.63 -12.80
C HIS B 295 -8.85 29.48 -12.33
N LEU B 296 -8.40 28.24 -12.34
CA LEU B 296 -9.17 27.07 -11.93
C LEU B 296 -8.79 26.63 -10.53
N TYR B 297 -7.89 27.33 -9.83
CA TYR B 297 -7.40 26.86 -8.54
C TYR B 297 -8.54 26.79 -7.50
N GLU B 298 -9.41 27.79 -7.45
CA GLU B 298 -10.51 27.76 -6.46
C GLU B 298 -11.35 26.52 -6.74
N LYS B 299 -11.73 26.24 -7.98
CA LYS B 299 -12.52 25.06 -8.36
C LYS B 299 -11.80 23.77 -7.96
N PHE B 300 -10.50 23.73 -8.23
CA PHE B 300 -9.66 22.60 -7.81
C PHE B 300 -9.79 22.36 -6.29
N LEU B 301 -9.57 23.39 -5.51
CA LEU B 301 -9.66 23.23 -4.04
C LEU B 301 -11.05 22.75 -3.59
N GLU B 302 -12.07 23.23 -4.26
CA GLU B 302 -13.46 22.87 -3.89
C GLU B 302 -13.69 21.41 -4.08
N MET B 303 -12.99 20.74 -5.00
CA MET B 303 -13.07 19.30 -5.16
C MET B 303 -12.12 18.59 -4.22
N VAL B 304 -10.86 19.06 -4.22
CA VAL B 304 -9.79 18.24 -3.62
C VAL B 304 -9.81 18.30 -2.09
N LEU B 305 -10.09 19.46 -1.49
CA LEU B 305 -10.04 19.52 0.00
C LEU B 305 -11.03 18.52 0.62
N PRO B 306 -12.32 18.51 0.23
CA PRO B 306 -13.21 17.58 0.91
C PRO B 306 -12.88 16.12 0.58
N ALA B 307 -12.32 15.88 -0.62
CA ALA B 307 -11.98 14.51 -0.95
C ALA B 307 -10.80 14.01 -0.10
N ILE B 308 -9.81 14.87 0.17
CA ILE B 308 -8.71 14.53 1.09
C ILE B 308 -9.27 14.20 2.46
N LYS B 309 -10.15 15.06 2.96
CA LYS B 309 -10.67 14.95 4.35
C LYS B 309 -11.43 13.66 4.53
N GLU B 310 -12.12 13.19 3.52
CA GLU B 310 -12.94 11.96 3.64
C GLU B 310 -12.16 10.75 3.13
N GLY B 311 -10.89 10.90 2.70
CA GLY B 311 -10.11 9.73 2.31
C GLY B 311 -10.33 9.25 0.87
N LYS B 312 -11.01 10.01 0.03
CA LYS B 312 -11.24 9.61 -1.38
C LYS B 312 -10.02 10.03 -2.26
N LEU B 313 -9.24 10.98 -1.78
CA LEU B 313 -7.89 11.24 -2.35
C LEU B 313 -6.89 11.13 -1.24
N THR B 314 -5.69 10.63 -1.56
CA THR B 314 -4.59 10.53 -0.60
C THR B 314 -3.29 11.03 -1.24
N TYR B 315 -2.27 11.05 -0.44
CA TYR B 315 -1.00 11.73 -0.85
C TYR B 315 0.11 11.15 -0.05
N VAL B 316 1.27 10.97 -0.70
CA VAL B 316 2.50 10.52 -0.03
C VAL B 316 3.58 11.56 -0.21
N GLU B 317 4.11 12.02 0.90
CA GLU B 317 5.24 12.95 0.96
C GLU B 317 6.48 12.25 1.54
N ASP B 318 7.64 12.78 1.16
CA ASP B 318 8.98 12.41 1.66
C ASP B 318 9.41 13.65 2.42
N VAL B 319 9.46 13.54 3.75
CA VAL B 319 9.68 14.67 4.70
C VAL B 319 11.11 14.59 5.22
N VAL B 320 11.85 15.67 4.95
CA VAL B 320 13.23 15.86 5.42
C VAL B 320 13.20 16.99 6.44
N GLU B 321 13.93 16.82 7.54
CA GLU B 321 13.95 17.77 8.68
C GLU B 321 15.12 18.75 8.56
N GLY B 322 14.81 20.04 8.51
CA GLY B 322 15.83 21.10 8.64
C GLY B 322 16.33 21.60 7.29
N LEU B 323 16.63 22.88 7.23
CA LEU B 323 17.16 23.50 6.01
C LEU B 323 18.53 22.87 5.71
N GLU B 324 19.25 22.46 6.73
CA GLU B 324 20.57 21.82 6.57
C GLU B 324 20.46 20.56 5.65
N SER B 325 19.29 19.94 5.57
CA SER B 325 19.03 18.68 4.83
C SER B 325 18.56 19.02 3.38
N ALA B 326 18.30 20.31 3.08
CA ALA B 326 17.67 20.67 1.76
C ALA B 326 18.57 20.30 0.58
N PRO B 327 19.90 20.58 0.62
CA PRO B 327 20.70 20.28 -0.55
C PRO B 327 20.68 18.77 -0.92
N ALA B 328 20.85 17.90 0.13
CA ALA B 328 20.80 16.40 -0.02
C ALA B 328 19.40 16.02 -0.58
N ALA B 329 18.33 16.61 -0.06
CA ALA B 329 16.95 16.29 -0.54
C ALA B 329 16.75 16.67 -2.03
N LEU B 330 17.28 17.83 -2.39
CA LEU B 330 17.07 18.29 -3.74
C LEU B 330 17.85 17.35 -4.69
N ILE B 331 19.15 17.07 -4.40
CA ILE B 331 19.94 16.10 -5.18
C ILE B 331 19.20 14.76 -5.18
N GLY B 332 18.70 14.28 -4.03
CA GLY B 332 18.01 12.97 -4.02
C GLY B 332 16.86 13.02 -5.02
N LEU B 333 16.16 14.15 -5.00
CA LEU B 333 15.08 14.27 -5.99
C LEU B 333 15.62 14.07 -7.40
N TYR B 334 16.69 14.78 -7.75
CA TYR B 334 17.19 14.74 -9.13
C TYR B 334 17.59 13.31 -9.47
N ALA B 335 18.06 12.53 -8.49
CA ALA B 335 18.50 11.13 -8.61
C ALA B 335 17.39 10.10 -8.51
N GLY B 336 16.12 10.50 -8.23
CA GLY B 336 15.05 9.48 -8.12
C GLY B 336 15.06 8.74 -6.79
N ARG B 337 15.68 9.32 -5.76
CA ARG B 337 15.80 8.62 -4.44
C ARG B 337 14.64 9.00 -3.50
N ASN B 338 13.86 10.04 -3.83
CA ASN B 338 12.64 10.43 -3.10
C ASN B 338 11.57 9.34 -3.20
N VAL B 339 10.76 9.23 -2.16
CA VAL B 339 9.56 8.34 -2.20
C VAL B 339 8.35 9.25 -2.07
N GLY B 340 7.75 9.60 -3.17
CA GLY B 340 6.69 10.62 -3.20
C GLY B 340 7.23 12.03 -3.16
N LYS B 341 6.39 12.97 -2.77
CA LYS B 341 6.65 14.39 -2.98
C LYS B 341 7.60 14.87 -1.92
N GLN B 342 8.77 15.33 -2.37
CA GLN B 342 9.85 15.76 -1.49
C GLN B 342 9.57 17.14 -0.86
N VAL B 343 9.54 17.15 0.48
CA VAL B 343 9.36 18.40 1.27
C VAL B 343 10.48 18.51 2.30
N VAL B 344 10.86 19.76 2.57
CA VAL B 344 11.84 20.12 3.62
C VAL B 344 11.10 20.93 4.69
N VAL B 345 11.20 20.44 5.91
CA VAL B 345 10.65 21.15 7.09
C VAL B 345 11.68 22.13 7.64
N VAL B 346 11.51 23.40 7.33
CA VAL B 346 12.41 24.45 7.86
C VAL B 346 12.04 24.73 9.30
N SER B 347 10.73 24.91 9.53
CA SER B 347 10.22 25.22 10.87
C SER B 347 8.77 24.79 10.90
N ARG B 348 8.37 24.10 11.95
CA ARG B 348 6.93 23.77 12.03
C ARG B 348 6.08 25.01 12.35
N GLU B 349 6.62 26.08 12.93
CA GLU B 349 5.79 27.29 13.27
C GLU B 349 6.60 28.61 13.19
#